data_5B56
#
_entry.id   5B56
#
_cell.length_a   91.021
_cell.length_b   81.555
_cell.length_c   101.545
_cell.angle_alpha   90.00
_cell.angle_beta   97.78
_cell.angle_gamma   90.00
#
_symmetry.space_group_name_H-M   'P 1 21 1'
#
loop_
_entity.id
_entity.type
_entity.pdbx_description
1 polymer 'Importin subunit alpha-1'
2 polymer 'Protein Vpr'
3 water water
#
loop_
_entity_poly.entity_id
_entity_poly.type
_entity_poly.pdbx_seq_one_letter_code
_entity_poly.pdbx_strand_id
1 'polypeptide(L)'
;NQGTVNWSVEDIVKGINSNNLESQLQATQAARKLLSREKQPPIDNIIRAGLIPKFVSFLGKTDCSPIQFESAWALTNIAS
GTSEQTKAVVDGGAIPAFISLLASPHAHISEQAVWALGNIAGDGSAFRDLVIKHGAIDPLLALLAVPDLSTLACGYLRNL
TWTLSNLCRNKNPAPPLDAVEQILPTLVRLLHHNDPEVLADSCWAISYLTDGPNERIEMVVKKGVVPQLVKLLGATELPI
VTPALRAIGNIVTGTDEQTQKVIDAGALAVFPSLLTNPKTNIQKEATWTMSNITAGRQDQIQQVVNHGLVPFLVGVLSKA
DFKTQKEAAWAITNYTSGGTVEQIVYLVHCGIIEPLMNLLSAKDTKIIQVILDAISNIFQAAEKLGETEKLSIMIEECGG
LDKIEALQRHENESVYKASLNLIEKYFSVEEEEDQNVVPETTSEGFAFQVQDGAPGTFNF
;
A,B
2 'polypeptide(L)' QQRRTRNGASKS C,D,E,F
#
# COMPACT_ATOMS: atom_id res chain seq x y z
N ASN A 1 -60.29 -4.46 -9.07
CA ASN A 1 -60.59 -5.46 -8.05
C ASN A 1 -61.90 -6.20 -8.34
N GLN A 2 -62.98 -5.72 -7.73
CA GLN A 2 -64.31 -6.34 -7.82
C GLN A 2 -64.30 -7.76 -7.22
N GLY A 3 -65.49 -8.31 -6.99
CA GLY A 3 -65.62 -9.65 -6.43
C GLY A 3 -64.83 -10.67 -7.22
N THR A 4 -63.51 -10.63 -7.05
CA THR A 4 -62.60 -11.48 -7.81
C THR A 4 -61.34 -11.77 -7.00
N VAL A 5 -60.37 -12.43 -7.63
CA VAL A 5 -59.13 -12.83 -6.96
C VAL A 5 -58.00 -11.94 -7.50
N ASN A 6 -56.77 -12.18 -7.03
CA ASN A 6 -55.66 -11.26 -7.26
C ASN A 6 -56.00 -9.93 -6.58
N TRP A 7 -56.06 -9.97 -5.26
CA TRP A 7 -56.60 -8.87 -4.47
C TRP A 7 -55.67 -7.65 -4.41
N SER A 8 -56.23 -6.52 -3.99
CA SER A 8 -55.44 -5.35 -3.65
C SER A 8 -55.10 -5.42 -2.17
N VAL A 9 -54.03 -4.73 -1.77
CA VAL A 9 -53.62 -4.71 -0.38
C VAL A 9 -54.77 -4.19 0.48
N GLU A 10 -55.54 -3.27 -0.08
CA GLU A 10 -56.67 -2.68 0.62
C GLU A 10 -57.73 -3.73 0.95
N ASP A 11 -57.93 -4.67 0.03
CA ASP A 11 -58.92 -5.72 0.22
C ASP A 11 -58.44 -6.77 1.23
N ILE A 12 -57.12 -6.94 1.32
CA ILE A 12 -56.54 -7.92 2.22
C ILE A 12 -56.68 -7.47 3.67
N VAL A 13 -56.37 -6.21 3.93
CA VAL A 13 -56.44 -5.67 5.29
C VAL A 13 -57.89 -5.67 5.77
N LYS A 14 -58.82 -5.48 4.84
CA LYS A 14 -60.24 -5.49 5.17
C LYS A 14 -60.67 -6.88 5.63
N GLY A 15 -60.23 -7.89 4.90
CA GLY A 15 -60.59 -9.27 5.20
C GLY A 15 -59.92 -9.76 6.47
N ILE A 16 -58.70 -9.29 6.71
CA ILE A 16 -57.94 -9.71 7.88
C ILE A 16 -58.45 -9.03 9.15
N ASN A 17 -58.84 -7.77 9.05
CA ASN A 17 -59.36 -7.04 10.20
C ASN A 17 -60.82 -7.39 10.50
N SER A 18 -61.42 -8.25 9.66
CA SER A 18 -62.78 -8.71 9.87
C SER A 18 -62.85 -9.64 11.09
N ASN A 19 -64.05 -9.80 11.63
CA ASN A 19 -64.27 -10.71 12.75
C ASN A 19 -64.65 -12.11 12.25
N ASN A 20 -64.67 -12.27 10.93
CA ASN A 20 -65.04 -13.55 10.32
C ASN A 20 -63.81 -14.35 9.92
N LEU A 21 -63.68 -15.55 10.48
CA LEU A 21 -62.50 -16.40 10.27
C LEU A 21 -62.38 -16.79 8.80
N GLU A 22 -63.53 -17.07 8.18
CA GLU A 22 -63.56 -17.46 6.76
C GLU A 22 -62.95 -16.38 5.88
N SER A 23 -63.23 -15.12 6.22
CA SER A 23 -62.76 -13.99 5.43
C SER A 23 -61.31 -13.65 5.76
N GLN A 24 -60.90 -13.95 7.00
CA GLN A 24 -59.51 -13.75 7.42
C GLN A 24 -58.61 -14.73 6.69
N LEU A 25 -59.13 -15.93 6.46
CA LEU A 25 -58.38 -16.97 5.78
C LEU A 25 -58.22 -16.63 4.31
N GLN A 26 -59.31 -16.20 3.67
CA GLN A 26 -59.27 -15.81 2.26
C GLN A 26 -58.28 -14.67 2.04
N ALA A 27 -58.28 -13.71 2.95
CA ALA A 27 -57.40 -12.56 2.85
C ALA A 27 -55.94 -13.00 2.98
N THR A 28 -55.69 -13.92 3.91
CA THR A 28 -54.35 -14.42 4.16
C THR A 28 -53.89 -15.24 2.96
N GLN A 29 -54.81 -16.00 2.39
CA GLN A 29 -54.53 -16.77 1.18
C GLN A 29 -54.15 -15.83 0.04
N ALA A 30 -54.93 -14.77 -0.13
CA ALA A 30 -54.66 -13.78 -1.16
C ALA A 30 -53.32 -13.10 -0.92
N ALA A 31 -52.98 -12.88 0.34
CA ALA A 31 -51.71 -12.27 0.70
C ALA A 31 -50.55 -13.22 0.37
N ARG A 32 -50.75 -14.50 0.62
CA ARG A 32 -49.71 -15.50 0.36
C ARG A 32 -49.39 -15.61 -1.14
N LYS A 33 -50.43 -15.66 -1.97
CA LYS A 33 -50.25 -15.68 -3.42
C LYS A 33 -49.49 -14.45 -3.88
N LEU A 34 -49.90 -13.31 -3.36
CA LEU A 34 -49.30 -12.03 -3.70
C LEU A 34 -47.80 -12.02 -3.39
N LEU A 35 -47.46 -12.53 -2.21
CA LEU A 35 -46.06 -12.59 -1.78
C LEU A 35 -45.33 -13.72 -2.51
N SER A 36 -46.10 -14.62 -3.11
CA SER A 36 -45.54 -15.69 -3.93
C SER A 36 -45.47 -15.27 -5.39
N ARG A 37 -45.68 -13.98 -5.64
CA ARG A 37 -45.60 -13.41 -6.98
C ARG A 37 -44.19 -13.62 -7.54
N GLU A 38 -44.12 -13.91 -8.84
CA GLU A 38 -42.84 -14.20 -9.49
C GLU A 38 -41.88 -13.02 -9.46
N LYS A 39 -42.41 -11.81 -9.67
CA LYS A 39 -41.59 -10.61 -9.87
C LYS A 39 -42.07 -9.42 -9.06
N GLN A 40 -41.19 -8.90 -8.20
CA GLN A 40 -41.48 -7.72 -7.39
C GLN A 40 -42.79 -7.84 -6.61
N PRO A 41 -42.82 -8.73 -5.60
CA PRO A 41 -43.97 -8.78 -4.68
C PRO A 41 -44.00 -7.56 -3.76
N PRO A 42 -45.19 -6.98 -3.53
CA PRO A 42 -45.26 -5.73 -2.75
C PRO A 42 -45.11 -5.99 -1.25
N ILE A 43 -43.88 -6.31 -0.85
CA ILE A 43 -43.59 -6.59 0.54
C ILE A 43 -43.74 -5.32 1.38
N ASP A 44 -43.12 -4.23 0.92
CA ASP A 44 -43.14 -2.97 1.67
C ASP A 44 -44.56 -2.44 1.84
N ASN A 45 -45.41 -2.69 0.86
CA ASN A 45 -46.80 -2.26 0.95
C ASN A 45 -47.55 -3.05 2.01
N ILE A 46 -47.25 -4.34 2.08
CA ILE A 46 -47.89 -5.22 3.05
C ILE A 46 -47.39 -4.93 4.47
N ILE A 47 -46.10 -4.62 4.59
CA ILE A 47 -45.54 -4.23 5.87
C ILE A 47 -46.15 -2.90 6.30
N ARG A 48 -46.17 -1.95 5.37
CA ARG A 48 -46.65 -0.60 5.64
C ARG A 48 -48.14 -0.61 6.01
N ALA A 49 -48.83 -1.69 5.67
CA ALA A 49 -50.23 -1.85 6.02
C ALA A 49 -50.40 -2.41 7.43
N GLY A 50 -49.29 -2.80 8.04
CA GLY A 50 -49.31 -3.29 9.41
C GLY A 50 -49.85 -4.71 9.55
N LEU A 51 -49.62 -5.53 8.53
CA LEU A 51 -50.22 -6.87 8.52
C LEU A 51 -49.35 -7.90 9.23
N ILE A 52 -48.08 -7.60 9.46
CA ILE A 52 -47.18 -8.56 10.08
C ILE A 52 -47.68 -9.07 11.44
N PRO A 53 -47.98 -8.15 12.38
CA PRO A 53 -48.47 -8.62 13.69
C PRO A 53 -49.74 -9.47 13.58
N LYS A 54 -50.61 -9.14 12.63
CA LYS A 54 -51.80 -9.95 12.40
C LYS A 54 -51.42 -11.36 11.95
N PHE A 55 -50.43 -11.45 11.07
CA PHE A 55 -49.95 -12.76 10.61
C PHE A 55 -49.37 -13.56 11.76
N VAL A 56 -48.58 -12.91 12.60
CA VAL A 56 -47.92 -13.57 13.72
C VAL A 56 -48.96 -14.09 14.71
N SER A 57 -50.05 -13.33 14.89
CA SER A 57 -51.11 -13.75 15.80
C SER A 57 -51.80 -15.00 15.27
N PHE A 58 -51.95 -15.07 13.96
CA PHE A 58 -52.57 -16.21 13.32
C PHE A 58 -51.74 -17.47 13.54
N LEU A 59 -50.42 -17.32 13.56
CA LEU A 59 -49.53 -18.45 13.86
C LEU A 59 -49.90 -19.12 15.17
N GLY A 60 -50.51 -18.37 16.08
CA GLY A 60 -50.88 -18.88 17.39
C GLY A 60 -52.21 -19.61 17.41
N LYS A 61 -53.01 -19.42 16.36
CA LYS A 61 -54.33 -20.04 16.30
C LYS A 61 -54.26 -21.51 15.91
N THR A 62 -54.05 -22.38 16.90
CA THR A 62 -54.06 -23.82 16.67
C THR A 62 -55.46 -24.28 16.27
N ASP A 63 -56.44 -23.41 16.48
CA ASP A 63 -57.82 -23.68 16.10
C ASP A 63 -57.99 -23.74 14.58
N CYS A 64 -57.00 -23.23 13.85
CA CYS A 64 -57.11 -23.14 12.39
C CYS A 64 -55.75 -23.38 11.73
N SER A 65 -55.45 -24.64 11.42
CA SER A 65 -54.21 -25.01 10.76
C SER A 65 -54.02 -24.29 9.42
N PRO A 66 -55.10 -24.13 8.63
CA PRO A 66 -54.94 -23.44 7.34
C PRO A 66 -54.36 -22.02 7.46
N ILE A 67 -54.92 -21.20 8.33
CA ILE A 67 -54.46 -19.81 8.45
C ILE A 67 -53.06 -19.77 9.08
N GLN A 68 -52.76 -20.75 9.93
CA GLN A 68 -51.40 -20.90 10.46
C GLN A 68 -50.41 -21.13 9.33
N PHE A 69 -50.82 -21.98 8.38
CA PHE A 69 -49.96 -22.33 7.27
C PHE A 69 -49.78 -21.13 6.35
N GLU A 70 -50.90 -20.52 5.95
CA GLU A 70 -50.87 -19.40 5.02
C GLU A 70 -50.07 -18.23 5.58
N SER A 71 -50.25 -17.95 6.87
CA SER A 71 -49.53 -16.87 7.53
C SER A 71 -48.05 -17.19 7.63
N ALA A 72 -47.74 -18.45 7.90
CA ALA A 72 -46.34 -18.87 8.00
C ALA A 72 -45.65 -18.72 6.65
N TRP A 73 -46.39 -18.98 5.58
CA TRP A 73 -45.87 -18.82 4.23
C TRP A 73 -45.64 -17.35 3.92
N ALA A 74 -46.64 -16.52 4.25
CA ALA A 74 -46.53 -15.08 4.03
C ALA A 74 -45.31 -14.49 4.73
N LEU A 75 -45.19 -14.74 6.02
CA LEU A 75 -44.08 -14.22 6.81
C LEU A 75 -42.74 -14.73 6.28
N THR A 76 -42.72 -15.98 5.82
CA THR A 76 -41.49 -16.56 5.29
C THR A 76 -41.00 -15.77 4.09
N ASN A 77 -41.94 -15.32 3.26
CA ASN A 77 -41.59 -14.56 2.08
C ASN A 77 -41.18 -13.14 2.43
N ILE A 78 -41.82 -12.55 3.44
CA ILE A 78 -41.41 -11.23 3.91
C ILE A 78 -40.01 -11.33 4.53
N ALA A 79 -39.81 -12.36 5.33
CA ALA A 79 -38.52 -12.59 5.97
C ALA A 79 -37.41 -12.88 4.98
N SER A 80 -37.81 -13.23 3.75
CA SER A 80 -36.84 -13.58 2.72
C SER A 80 -36.26 -12.34 2.06
N GLY A 81 -36.94 -11.21 2.20
CA GLY A 81 -36.58 -9.98 1.50
C GLY A 81 -35.32 -9.32 2.03
N THR A 82 -35.39 -8.00 2.24
CA THR A 82 -34.24 -7.26 2.74
C THR A 82 -34.15 -7.34 4.26
N SER A 83 -33.00 -6.94 4.81
CA SER A 83 -32.78 -6.93 6.25
C SER A 83 -33.84 -6.08 6.95
N GLU A 84 -34.23 -4.97 6.31
CA GLU A 84 -35.26 -4.10 6.87
C GLU A 84 -36.59 -4.87 6.91
N GLN A 85 -36.83 -5.67 5.88
CA GLN A 85 -38.08 -6.42 5.80
C GLN A 85 -38.04 -7.62 6.73
N THR A 86 -36.87 -8.23 6.88
CA THR A 86 -36.70 -9.32 7.84
C THR A 86 -36.86 -8.77 9.25
N LYS A 87 -36.35 -7.57 9.49
CA LYS A 87 -36.43 -6.96 10.82
C LYS A 87 -37.88 -6.68 11.20
N ALA A 88 -38.70 -6.32 10.22
CA ALA A 88 -40.10 -6.03 10.46
C ALA A 88 -40.82 -7.28 10.94
N VAL A 89 -40.38 -8.43 10.45
CA VAL A 89 -40.92 -9.71 10.88
C VAL A 89 -40.49 -10.03 12.30
N VAL A 90 -39.22 -9.75 12.62
CA VAL A 90 -38.68 -9.99 13.96
C VAL A 90 -39.33 -9.08 14.99
N ASP A 91 -39.44 -7.80 14.65
CA ASP A 91 -40.06 -6.82 15.54
C ASP A 91 -41.53 -7.15 15.76
N GLY A 92 -42.13 -7.90 14.85
CA GLY A 92 -43.49 -8.37 15.00
C GLY A 92 -43.59 -9.58 15.91
N GLY A 93 -42.46 -9.99 16.49
CA GLY A 93 -42.41 -11.10 17.42
C GLY A 93 -42.67 -12.44 16.77
N ALA A 94 -42.22 -12.60 15.53
CA ALA A 94 -42.51 -13.80 14.76
C ALA A 94 -41.66 -15.01 15.20
N ILE A 95 -40.48 -14.75 15.74
CA ILE A 95 -39.55 -15.83 16.07
C ILE A 95 -40.12 -16.82 17.10
N PRO A 96 -40.55 -16.33 18.28
CA PRO A 96 -41.07 -17.29 19.25
C PRO A 96 -42.33 -17.99 18.76
N ALA A 97 -43.08 -17.35 17.88
CA ALA A 97 -44.28 -17.94 17.34
C ALA A 97 -43.94 -19.10 16.40
N PHE A 98 -42.91 -18.93 15.58
CA PHE A 98 -42.46 -20.00 14.69
C PHE A 98 -41.93 -21.18 15.49
N ILE A 99 -41.20 -20.89 16.56
CA ILE A 99 -40.61 -21.93 17.38
C ILE A 99 -41.70 -22.78 18.02
N SER A 100 -42.81 -22.14 18.40
CA SER A 100 -43.93 -22.86 18.99
C SER A 100 -44.61 -23.76 17.96
N LEU A 101 -44.37 -23.45 16.70
CA LEU A 101 -45.02 -24.14 15.59
C LEU A 101 -44.20 -25.34 15.11
N LEU A 102 -42.97 -25.45 15.60
CA LEU A 102 -42.10 -26.56 15.22
C LEU A 102 -42.65 -27.91 15.68
N ALA A 103 -43.32 -27.91 16.83
CA ALA A 103 -43.83 -29.13 17.43
C ALA A 103 -45.21 -29.49 16.90
N SER A 104 -45.69 -28.73 15.91
CA SER A 104 -47.01 -28.98 15.34
C SER A 104 -47.14 -30.40 14.78
N PRO A 105 -48.26 -31.07 15.07
CA PRO A 105 -48.48 -32.40 14.49
C PRO A 105 -48.71 -32.33 12.99
N HIS A 106 -48.92 -31.12 12.47
CA HIS A 106 -49.01 -30.89 11.04
C HIS A 106 -47.63 -30.64 10.46
N ALA A 107 -47.02 -31.69 9.90
CA ALA A 107 -45.64 -31.65 9.44
C ALA A 107 -45.39 -30.52 8.44
N HIS A 108 -46.36 -30.25 7.58
CA HIS A 108 -46.20 -29.24 6.54
C HIS A 108 -46.14 -27.84 7.15
N ILE A 109 -46.72 -27.69 8.34
CA ILE A 109 -46.66 -26.42 9.06
C ILE A 109 -45.35 -26.33 9.83
N SER A 110 -44.93 -27.43 10.43
CA SER A 110 -43.64 -27.48 11.11
C SER A 110 -42.52 -27.15 10.14
N GLU A 111 -42.59 -27.72 8.94
CA GLU A 111 -41.61 -27.48 7.89
C GLU A 111 -41.53 -25.99 7.54
N GLN A 112 -42.69 -25.37 7.35
CA GLN A 112 -42.74 -23.95 7.00
C GLN A 112 -42.17 -23.08 8.12
N ALA A 113 -42.28 -23.54 9.37
CA ALA A 113 -41.68 -22.82 10.50
C ALA A 113 -40.17 -22.94 10.46
N VAL A 114 -39.68 -24.14 10.13
CA VAL A 114 -38.24 -24.34 9.98
C VAL A 114 -37.69 -23.40 8.91
N TRP A 115 -38.43 -23.29 7.81
CA TRP A 115 -38.04 -22.44 6.68
C TRP A 115 -37.93 -20.99 7.12
N ALA A 116 -38.97 -20.53 7.81
CA ALA A 116 -39.03 -19.15 8.29
C ALA A 116 -37.85 -18.81 9.19
N LEU A 117 -37.60 -19.68 10.17
CA LEU A 117 -36.48 -19.48 11.08
C LEU A 117 -35.17 -19.42 10.30
N GLY A 118 -35.08 -20.21 9.25
CA GLY A 118 -33.89 -20.25 8.42
C GLY A 118 -33.60 -18.90 7.78
N ASN A 119 -34.62 -18.32 7.15
CA ASN A 119 -34.50 -16.99 6.56
C ASN A 119 -34.07 -15.94 7.56
N ILE A 120 -34.75 -15.93 8.71
CA ILE A 120 -34.46 -14.96 9.76
C ILE A 120 -33.03 -15.12 10.25
N ALA A 121 -32.66 -16.34 10.61
CA ALA A 121 -31.33 -16.60 11.13
C ALA A 121 -30.27 -16.30 10.07
N GLY A 122 -30.64 -16.45 8.80
CA GLY A 122 -29.71 -16.24 7.71
C GLY A 122 -29.35 -14.79 7.46
N ASP A 123 -30.12 -13.88 8.04
CA ASP A 123 -29.91 -12.45 7.82
C ASP A 123 -28.54 -11.97 8.31
N GLY A 124 -28.08 -12.56 9.41
CA GLY A 124 -26.80 -12.17 9.99
C GLY A 124 -26.62 -12.66 11.42
N SER A 125 -25.48 -12.30 12.00
CA SER A 125 -25.12 -12.74 13.35
C SER A 125 -26.15 -12.32 14.39
N ALA A 126 -26.67 -11.10 14.25
CA ALA A 126 -27.63 -10.57 15.20
C ALA A 126 -28.87 -11.45 15.28
N PHE A 127 -29.57 -11.58 14.15
CA PHE A 127 -30.82 -12.32 14.11
C PHE A 127 -30.59 -13.80 14.36
N ARG A 128 -29.43 -14.31 13.98
CA ARG A 128 -29.09 -15.70 14.25
C ARG A 128 -29.06 -15.90 15.77
N ASP A 129 -28.41 -14.99 16.47
CA ASP A 129 -28.33 -15.09 17.93
C ASP A 129 -29.70 -14.89 18.58
N LEU A 130 -30.57 -14.12 17.95
CA LEU A 130 -31.93 -13.97 18.48
C LEU A 130 -32.65 -15.31 18.43
N VAL A 131 -32.57 -15.98 17.29
CA VAL A 131 -33.22 -17.27 17.11
C VAL A 131 -32.72 -18.28 18.15
N ILE A 132 -31.41 -18.30 18.38
CA ILE A 132 -30.83 -19.20 19.37
C ILE A 132 -31.29 -18.82 20.79
N LYS A 133 -31.40 -17.53 21.06
CA LYS A 133 -31.78 -17.06 22.40
C LYS A 133 -33.20 -17.46 22.74
N HIS A 134 -34.07 -17.45 21.73
CA HIS A 134 -35.44 -17.91 21.90
C HIS A 134 -35.55 -19.43 22.05
N GLY A 135 -34.42 -20.12 22.04
CA GLY A 135 -34.40 -21.56 22.27
C GLY A 135 -34.93 -22.35 21.09
N ALA A 136 -34.43 -22.06 19.91
CA ALA A 136 -34.88 -22.72 18.68
C ALA A 136 -34.17 -24.05 18.46
N ILE A 137 -32.94 -24.16 18.94
CA ILE A 137 -32.11 -25.32 18.67
C ILE A 137 -32.71 -26.63 19.19
N ASP A 138 -33.12 -26.64 20.45
CA ASP A 138 -33.66 -27.86 21.07
C ASP A 138 -34.84 -28.44 20.26
N PRO A 139 -35.86 -27.62 19.94
CA PRO A 139 -36.96 -28.11 19.09
C PRO A 139 -36.50 -28.61 17.71
N LEU A 140 -35.59 -27.89 17.08
CA LEU A 140 -35.09 -28.27 15.76
C LEU A 140 -34.41 -29.64 15.80
N LEU A 141 -33.44 -29.79 16.70
CA LEU A 141 -32.72 -31.04 16.82
C LEU A 141 -33.67 -32.16 17.22
N ALA A 142 -34.75 -31.82 17.92
CA ALA A 142 -35.71 -32.83 18.36
C ALA A 142 -36.44 -33.44 17.17
N LEU A 143 -36.54 -32.67 16.09
CA LEU A 143 -37.17 -33.16 14.86
C LEU A 143 -36.27 -34.15 14.13
N LEU A 144 -34.95 -33.94 14.24
CA LEU A 144 -33.99 -34.85 13.63
C LEU A 144 -33.68 -36.04 14.56
N ALA A 145 -34.14 -35.95 15.80
CA ALA A 145 -33.89 -37.01 16.78
C ALA A 145 -34.72 -38.25 16.47
N VAL A 146 -34.37 -38.92 15.39
CA VAL A 146 -35.05 -40.15 14.97
C VAL A 146 -34.01 -41.23 14.67
N PRO A 147 -34.40 -42.50 14.78
CA PRO A 147 -33.43 -43.58 14.58
C PRO A 147 -32.90 -43.65 13.14
N ASP A 148 -33.78 -43.42 12.17
CA ASP A 148 -33.40 -43.46 10.75
C ASP A 148 -33.95 -42.25 10.01
N LEU A 149 -33.05 -41.50 9.39
CA LEU A 149 -33.40 -40.23 8.76
C LEU A 149 -34.23 -40.40 7.49
N SER A 150 -34.18 -41.59 6.89
CA SER A 150 -34.89 -41.82 5.63
C SER A 150 -36.41 -41.89 5.84
N THR A 151 -36.85 -41.87 7.09
CA THR A 151 -38.27 -41.88 7.41
C THR A 151 -38.88 -40.49 7.19
N LEU A 152 -38.06 -39.46 7.35
CA LEU A 152 -38.48 -38.09 7.11
C LEU A 152 -38.54 -37.80 5.61
N ALA A 153 -39.47 -36.94 5.20
CA ALA A 153 -39.56 -36.53 3.80
C ALA A 153 -38.29 -35.80 3.38
N CYS A 154 -37.97 -35.85 2.09
CA CYS A 154 -36.75 -35.23 1.59
C CYS A 154 -36.81 -33.70 1.66
N GLY A 155 -37.99 -33.13 1.42
CA GLY A 155 -38.16 -31.69 1.50
C GLY A 155 -38.07 -31.24 2.95
N TYR A 156 -38.54 -32.10 3.84
CA TYR A 156 -38.55 -31.80 5.27
C TYR A 156 -37.13 -31.81 5.81
N LEU A 157 -36.34 -32.79 5.37
CA LEU A 157 -34.98 -32.95 5.88
C LEU A 157 -34.06 -31.88 5.33
N ARG A 158 -34.23 -31.54 4.06
CA ARG A 158 -33.41 -30.53 3.42
C ARG A 158 -33.59 -29.16 4.06
N ASN A 159 -34.83 -28.81 4.39
CA ASN A 159 -35.11 -27.56 5.09
C ASN A 159 -34.43 -27.51 6.44
N LEU A 160 -34.61 -28.56 7.24
CA LEU A 160 -34.00 -28.63 8.55
C LEU A 160 -32.48 -28.48 8.45
N THR A 161 -31.86 -29.22 7.53
CA THR A 161 -30.41 -29.16 7.38
C THR A 161 -29.98 -27.76 6.96
N TRP A 162 -30.74 -27.14 6.06
CA TRP A 162 -30.41 -25.80 5.60
C TRP A 162 -30.55 -24.76 6.71
N THR A 163 -31.67 -24.79 7.43
CA THR A 163 -31.89 -23.85 8.52
C THR A 163 -30.81 -24.02 9.56
N LEU A 164 -30.45 -25.28 9.83
CA LEU A 164 -29.45 -25.57 10.84
C LEU A 164 -28.10 -25.01 10.40
N SER A 165 -27.82 -25.02 9.10
CA SER A 165 -26.54 -24.53 8.60
C SER A 165 -26.46 -23.02 8.77
N ASN A 166 -27.59 -22.33 8.66
CA ASN A 166 -27.62 -20.89 8.87
C ASN A 166 -27.38 -20.52 10.32
N LEU A 167 -27.75 -21.40 11.25
CA LEU A 167 -27.47 -21.16 12.66
C LEU A 167 -25.99 -21.33 12.97
N CYS A 168 -25.24 -21.84 11.99
CA CYS A 168 -23.80 -22.04 12.13
C CYS A 168 -23.03 -20.96 11.37
N ARG A 169 -23.75 -20.18 10.57
CA ARG A 169 -23.16 -19.23 9.63
C ARG A 169 -22.84 -17.86 10.26
N ASN A 170 -21.99 -17.10 9.58
CA ASN A 170 -21.63 -15.71 9.92
C ASN A 170 -20.73 -15.58 11.15
N LYS A 171 -20.00 -14.47 11.19
CA LYS A 171 -19.02 -14.21 12.24
C LYS A 171 -19.25 -12.82 12.84
N ASN A 172 -18.41 -12.45 13.79
CA ASN A 172 -18.45 -11.11 14.38
C ASN A 172 -19.84 -10.75 14.91
N PRO A 173 -20.32 -11.49 15.91
CA PRO A 173 -19.67 -12.65 16.53
C PRO A 173 -20.00 -13.96 15.84
N ALA A 174 -19.17 -14.98 16.07
CA ALA A 174 -19.48 -16.34 15.62
C ALA A 174 -20.59 -16.91 16.48
N PRO A 175 -21.12 -18.09 16.11
CA PRO A 175 -22.14 -18.70 16.97
C PRO A 175 -21.58 -19.05 18.35
N PRO A 176 -22.41 -19.01 19.41
CA PRO A 176 -21.95 -19.41 20.75
C PRO A 176 -21.45 -20.86 20.79
N LEU A 177 -20.37 -21.10 21.53
CA LEU A 177 -19.74 -22.41 21.55
C LEU A 177 -20.70 -23.49 22.02
N ASP A 178 -21.46 -23.20 23.07
CA ASP A 178 -22.36 -24.21 23.64
C ASP A 178 -23.42 -24.61 22.62
N ALA A 179 -23.78 -23.67 21.74
CA ALA A 179 -24.77 -23.95 20.70
C ALA A 179 -24.15 -24.81 19.61
N VAL A 180 -22.88 -24.57 19.33
CA VAL A 180 -22.18 -25.36 18.32
C VAL A 180 -22.03 -26.81 18.78
N GLU A 181 -21.61 -27.00 20.04
CA GLU A 181 -21.43 -28.35 20.59
C GLU A 181 -22.74 -29.10 20.64
N GLN A 182 -23.85 -28.36 20.62
CA GLN A 182 -25.17 -28.95 20.67
C GLN A 182 -25.61 -29.42 19.30
N ILE A 183 -25.18 -28.68 18.28
CA ILE A 183 -25.59 -28.95 16.91
C ILE A 183 -24.70 -29.99 16.23
N LEU A 184 -23.42 -30.00 16.57
CA LEU A 184 -22.44 -30.81 15.86
C LEU A 184 -22.83 -32.27 15.68
N PRO A 185 -23.20 -32.96 16.78
CA PRO A 185 -23.53 -34.39 16.68
C PRO A 185 -24.57 -34.69 15.59
N THR A 186 -25.57 -33.83 15.48
CA THR A 186 -26.59 -33.99 14.43
C THR A 186 -25.97 -33.70 13.08
N LEU A 187 -25.01 -32.78 13.06
CA LEU A 187 -24.34 -32.39 11.82
C LEU A 187 -23.52 -33.55 11.26
N VAL A 188 -22.94 -34.35 12.16
CA VAL A 188 -22.16 -35.51 11.75
C VAL A 188 -23.07 -36.51 11.06
N ARG A 189 -24.25 -36.74 11.62
CA ARG A 189 -25.20 -37.67 11.06
C ARG A 189 -25.59 -37.27 9.64
N LEU A 190 -25.99 -36.02 9.48
CA LEU A 190 -26.44 -35.51 8.18
C LEU A 190 -25.32 -35.53 7.15
N LEU A 191 -24.07 -35.51 7.61
CA LEU A 191 -22.92 -35.61 6.71
C LEU A 191 -22.84 -36.99 6.09
N HIS A 192 -23.39 -37.98 6.78
CA HIS A 192 -23.35 -39.37 6.32
C HIS A 192 -24.67 -39.79 5.67
N HIS A 193 -25.52 -38.80 5.37
CA HIS A 193 -26.80 -39.09 4.71
C HIS A 193 -26.58 -39.34 3.22
N ASN A 194 -27.64 -39.79 2.53
CA ASN A 194 -27.53 -40.22 1.13
C ASN A 194 -27.95 -39.14 0.12
N ASP A 195 -28.61 -38.10 0.59
CA ASP A 195 -29.12 -37.05 -0.30
C ASP A 195 -28.05 -36.00 -0.59
N PRO A 196 -27.85 -35.66 -1.88
CA PRO A 196 -26.76 -34.74 -2.23
C PRO A 196 -27.00 -33.32 -1.71
N GLU A 197 -28.25 -32.88 -1.65
CA GLU A 197 -28.53 -31.53 -1.19
C GLU A 197 -28.34 -31.44 0.32
N VAL A 198 -28.72 -32.49 1.04
CA VAL A 198 -28.46 -32.59 2.47
C VAL A 198 -26.95 -32.56 2.71
N LEU A 199 -26.21 -33.35 1.95
CA LEU A 199 -24.76 -33.36 2.05
C LEU A 199 -24.18 -31.97 1.79
N ALA A 200 -24.70 -31.29 0.77
CA ALA A 200 -24.22 -29.96 0.43
C ALA A 200 -24.42 -28.99 1.61
N ASP A 201 -25.65 -28.93 2.11
CA ASP A 201 -25.96 -28.02 3.21
C ASP A 201 -25.16 -28.39 4.47
N SER A 202 -25.01 -29.68 4.73
CA SER A 202 -24.21 -30.13 5.86
C SER A 202 -22.78 -29.63 5.73
N CYS A 203 -22.20 -29.78 4.54
CA CYS A 203 -20.83 -29.36 4.29
C CYS A 203 -20.66 -27.85 4.50
N TRP A 204 -21.67 -27.08 4.09
CA TRP A 204 -21.64 -25.63 4.27
C TRP A 204 -21.58 -25.30 5.77
N ALA A 205 -22.40 -26.00 6.55
CA ALA A 205 -22.43 -25.78 8.00
C ALA A 205 -21.07 -26.04 8.62
N ILE A 206 -20.41 -27.10 8.16
CA ILE A 206 -19.08 -27.43 8.68
C ILE A 206 -18.08 -26.38 8.23
N SER A 207 -18.18 -25.95 6.98
CA SER A 207 -17.26 -24.93 6.46
C SER A 207 -17.38 -23.63 7.24
N TYR A 208 -18.59 -23.33 7.73
CA TYR A 208 -18.81 -22.15 8.54
C TYR A 208 -18.10 -22.28 9.88
N LEU A 209 -18.39 -23.38 10.58
CA LEU A 209 -17.88 -23.61 11.92
C LEU A 209 -16.35 -23.66 11.98
N THR A 210 -15.74 -24.04 10.86
CA THR A 210 -14.28 -24.17 10.78
C THR A 210 -13.63 -22.88 10.29
N ASP A 211 -14.45 -21.96 9.78
CA ASP A 211 -13.96 -20.65 9.37
C ASP A 211 -13.71 -19.79 10.59
N GLY A 212 -12.59 -20.02 11.27
CA GLY A 212 -12.29 -19.28 12.49
C GLY A 212 -11.00 -19.73 13.17
N PRO A 213 -10.83 -19.34 14.44
CA PRO A 213 -9.67 -19.72 15.25
C PRO A 213 -9.48 -21.23 15.40
N ASN A 214 -8.29 -21.64 15.80
CA ASN A 214 -7.95 -23.05 15.90
C ASN A 214 -8.82 -23.80 16.92
N GLU A 215 -9.35 -23.06 17.90
CA GLU A 215 -10.17 -23.65 18.94
C GLU A 215 -11.47 -24.19 18.35
N ARG A 216 -12.09 -23.40 17.48
CA ARG A 216 -13.33 -23.81 16.83
C ARG A 216 -13.08 -24.93 15.83
N ILE A 217 -11.89 -24.95 15.23
CA ILE A 217 -11.54 -26.00 14.30
C ILE A 217 -11.41 -27.34 15.03
N GLU A 218 -10.87 -27.30 16.24
CA GLU A 218 -10.69 -28.51 17.04
C GLU A 218 -12.03 -29.12 17.45
N MET A 219 -13.03 -28.26 17.67
CA MET A 219 -14.37 -28.73 18.03
C MET A 219 -14.89 -29.66 16.94
N VAL A 220 -14.74 -29.23 15.70
CA VAL A 220 -15.21 -29.98 14.55
C VAL A 220 -14.35 -31.23 14.31
N VAL A 221 -13.03 -31.05 14.31
CA VAL A 221 -12.12 -32.11 13.93
C VAL A 221 -12.17 -33.31 14.88
N LYS A 222 -12.35 -33.05 16.17
CA LYS A 222 -12.31 -34.14 17.14
C LYS A 222 -13.63 -34.93 17.16
N LYS A 223 -14.57 -34.52 16.30
CA LYS A 223 -15.78 -35.32 16.06
C LYS A 223 -15.55 -36.37 14.97
N GLY A 224 -14.34 -36.36 14.39
CA GLY A 224 -13.98 -37.34 13.38
C GLY A 224 -14.74 -37.19 12.08
N VAL A 225 -14.84 -35.96 11.60
CA VAL A 225 -15.58 -35.68 10.37
C VAL A 225 -14.65 -35.58 9.15
N VAL A 226 -13.34 -35.48 9.40
CA VAL A 226 -12.39 -35.22 8.33
C VAL A 226 -12.40 -36.31 7.27
N PRO A 227 -12.42 -37.60 7.68
CA PRO A 227 -12.46 -38.67 6.68
C PRO A 227 -13.67 -38.55 5.74
N GLN A 228 -14.83 -38.22 6.29
CA GLN A 228 -16.05 -38.09 5.49
C GLN A 228 -15.97 -36.87 4.59
N LEU A 229 -15.37 -35.80 5.09
CA LEU A 229 -15.19 -34.58 4.30
C LEU A 229 -14.34 -34.85 3.07
N VAL A 230 -13.32 -35.69 3.25
CA VAL A 230 -12.43 -36.05 2.15
C VAL A 230 -13.17 -36.90 1.12
N LYS A 231 -14.07 -37.76 1.59
CA LYS A 231 -14.88 -38.57 0.69
C LYS A 231 -15.79 -37.67 -0.14
N LEU A 232 -16.41 -36.69 0.51
CA LEU A 232 -17.28 -35.75 -0.19
C LEU A 232 -16.47 -34.86 -1.13
N LEU A 233 -15.17 -34.74 -0.84
CA LEU A 233 -14.28 -33.95 -1.67
C LEU A 233 -14.12 -34.57 -3.06
N GLY A 234 -14.20 -35.90 -3.11
CA GLY A 234 -14.04 -36.63 -4.37
C GLY A 234 -15.37 -36.92 -5.05
N ALA A 235 -16.42 -36.21 -4.67
CA ALA A 235 -17.72 -36.39 -5.31
C ALA A 235 -17.71 -35.77 -6.70
N THR A 236 -18.74 -36.10 -7.48
CA THR A 236 -18.89 -35.57 -8.83
C THR A 236 -19.80 -34.34 -8.84
N GLU A 237 -20.65 -34.24 -7.82
CA GLU A 237 -21.52 -33.08 -7.68
C GLU A 237 -20.71 -31.87 -7.22
N LEU A 238 -20.65 -30.85 -8.06
CA LEU A 238 -19.93 -29.62 -7.72
C LEU A 238 -20.51 -28.94 -6.48
N PRO A 239 -21.85 -28.97 -6.31
CA PRO A 239 -22.43 -28.37 -5.10
C PRO A 239 -21.99 -29.02 -3.80
N ILE A 240 -21.40 -30.21 -3.87
CA ILE A 240 -20.88 -30.88 -2.68
C ILE A 240 -19.39 -30.62 -2.52
N VAL A 241 -18.66 -30.65 -3.63
CA VAL A 241 -17.21 -30.47 -3.60
C VAL A 241 -16.86 -29.08 -3.08
N THR A 242 -17.61 -28.07 -3.50
CA THR A 242 -17.27 -26.68 -3.17
C THR A 242 -17.25 -26.47 -1.65
N PRO A 243 -18.38 -26.74 -0.96
CA PRO A 243 -18.35 -26.55 0.49
C PRO A 243 -17.39 -27.51 1.20
N ALA A 244 -17.27 -28.74 0.71
CA ALA A 244 -16.37 -29.71 1.32
C ALA A 244 -14.92 -29.21 1.20
N LEU A 245 -14.58 -28.66 0.05
CA LEU A 245 -13.25 -28.11 -0.17
C LEU A 245 -13.01 -26.90 0.73
N ARG A 246 -14.04 -26.08 0.91
CA ARG A 246 -13.95 -24.94 1.82
C ARG A 246 -13.70 -25.39 3.24
N ALA A 247 -14.43 -26.41 3.69
CA ALA A 247 -14.24 -26.97 5.02
C ALA A 247 -12.80 -27.45 5.19
N ILE A 248 -12.35 -28.33 4.30
CA ILE A 248 -10.97 -28.82 4.31
C ILE A 248 -9.97 -27.68 4.27
N GLY A 249 -10.22 -26.70 3.40
CA GLY A 249 -9.36 -25.55 3.29
C GLY A 249 -9.24 -24.77 4.60
N ASN A 250 -10.35 -24.67 5.33
CA ASN A 250 -10.35 -23.98 6.62
C ASN A 250 -9.57 -24.75 7.67
N ILE A 251 -9.75 -26.07 7.71
CA ILE A 251 -9.10 -26.91 8.70
C ILE A 251 -7.58 -26.82 8.57
N VAL A 252 -7.10 -26.69 7.33
CA VAL A 252 -5.67 -26.67 7.05
C VAL A 252 -5.00 -25.35 7.48
N THR A 253 -5.80 -24.30 7.71
CA THR A 253 -5.25 -23.06 8.25
C THR A 253 -4.86 -23.20 9.71
N GLY A 254 -5.25 -24.33 10.32
CA GLY A 254 -4.98 -24.56 11.73
C GLY A 254 -3.58 -25.09 11.99
N THR A 255 -3.46 -25.95 12.99
CA THR A 255 -2.16 -26.48 13.40
C THR A 255 -1.67 -27.60 12.47
N ASP A 256 -0.41 -28.00 12.64
CA ASP A 256 0.16 -29.07 11.84
C ASP A 256 -0.54 -30.39 12.13
N GLU A 257 -0.98 -30.56 13.37
CA GLU A 257 -1.62 -31.80 13.78
C GLU A 257 -2.95 -31.97 13.05
N GLN A 258 -3.70 -30.88 12.94
CA GLN A 258 -4.99 -30.90 12.25
C GLN A 258 -4.78 -31.14 10.77
N THR A 259 -3.76 -30.49 10.21
CA THR A 259 -3.42 -30.66 8.81
C THR A 259 -3.08 -32.12 8.53
N GLN A 260 -2.44 -32.76 9.50
CA GLN A 260 -2.04 -34.15 9.33
C GLN A 260 -3.28 -35.03 9.23
N LYS A 261 -4.32 -34.68 9.97
CA LYS A 261 -5.56 -35.46 9.96
C LYS A 261 -6.23 -35.38 8.59
N VAL A 262 -6.00 -34.27 7.89
CA VAL A 262 -6.50 -34.12 6.54
C VAL A 262 -5.71 -35.01 5.59
N ILE A 263 -4.40 -35.07 5.80
CA ILE A 263 -3.52 -35.87 4.96
C ILE A 263 -3.71 -37.36 5.22
N ASP A 264 -3.92 -37.72 6.48
CA ASP A 264 -4.11 -39.11 6.85
C ASP A 264 -5.42 -39.66 6.31
N ALA A 265 -6.36 -38.78 5.99
CA ALA A 265 -7.65 -39.18 5.44
C ALA A 265 -7.59 -39.37 3.93
N GLY A 266 -6.44 -39.09 3.33
CA GLY A 266 -6.22 -39.32 1.91
C GLY A 266 -6.65 -38.15 1.03
N ALA A 267 -6.63 -36.95 1.57
CA ALA A 267 -7.07 -35.77 0.83
C ALA A 267 -6.15 -35.48 -0.36
N LEU A 268 -4.87 -35.80 -0.21
CA LEU A 268 -3.89 -35.51 -1.26
C LEU A 268 -4.09 -36.33 -2.53
N ALA A 269 -4.92 -37.36 -2.47
CA ALA A 269 -5.13 -38.22 -3.64
C ALA A 269 -6.15 -37.65 -4.62
N VAL A 270 -6.94 -36.67 -4.16
CA VAL A 270 -8.01 -36.10 -4.96
C VAL A 270 -7.65 -34.69 -5.45
N PHE A 271 -6.60 -34.12 -4.88
CA PHE A 271 -6.20 -32.77 -5.24
C PHE A 271 -5.71 -32.60 -6.68
N PRO A 272 -5.20 -33.67 -7.31
CA PRO A 272 -4.87 -33.51 -8.74
C PRO A 272 -6.07 -33.07 -9.58
N SER A 273 -7.25 -33.64 -9.33
CA SER A 273 -8.45 -33.24 -10.07
C SER A 273 -8.97 -31.87 -9.63
N LEU A 274 -8.70 -31.50 -8.39
CA LEU A 274 -9.14 -30.20 -7.87
C LEU A 274 -8.30 -29.08 -8.47
N LEU A 275 -6.98 -29.30 -8.52
CA LEU A 275 -6.06 -28.32 -9.11
C LEU A 275 -6.21 -28.20 -10.63
N THR A 276 -6.90 -29.15 -11.25
CA THR A 276 -7.15 -29.09 -12.69
C THR A 276 -8.64 -29.07 -12.98
N ASN A 277 -9.43 -28.75 -11.97
CA ASN A 277 -10.88 -28.67 -12.09
C ASN A 277 -11.25 -27.67 -13.17
N PRO A 278 -12.36 -27.89 -13.90
CA PRO A 278 -12.71 -26.91 -14.93
C PRO A 278 -13.11 -25.56 -14.34
N LYS A 279 -13.76 -25.55 -13.17
CA LYS A 279 -14.15 -24.30 -12.52
C LYS A 279 -12.94 -23.62 -11.89
N THR A 280 -12.70 -22.36 -12.27
CA THR A 280 -11.49 -21.66 -11.85
C THR A 280 -11.46 -21.40 -10.34
N ASN A 281 -12.63 -21.26 -9.73
CA ASN A 281 -12.68 -20.97 -8.30
C ASN A 281 -12.36 -22.20 -7.45
N ILE A 282 -12.49 -23.39 -8.03
CA ILE A 282 -12.09 -24.63 -7.36
C ILE A 282 -10.57 -24.74 -7.36
N GLN A 283 -9.95 -24.36 -8.48
CA GLN A 283 -8.50 -24.37 -8.59
C GLN A 283 -7.88 -23.41 -7.59
N LYS A 284 -8.49 -22.24 -7.46
CA LYS A 284 -8.00 -21.22 -6.54
C LYS A 284 -8.07 -21.74 -5.10
N GLU A 285 -9.25 -22.22 -4.70
CA GLU A 285 -9.43 -22.79 -3.37
C GLU A 285 -8.46 -23.94 -3.11
N ALA A 286 -8.27 -24.78 -4.11
CA ALA A 286 -7.40 -25.95 -3.97
C ALA A 286 -5.94 -25.57 -3.91
N THR A 287 -5.54 -24.57 -4.69
CA THR A 287 -4.16 -24.09 -4.67
C THR A 287 -3.88 -23.35 -3.36
N TRP A 288 -4.88 -22.62 -2.88
CA TRP A 288 -4.78 -21.93 -1.59
C TRP A 288 -4.54 -22.95 -0.49
N THR A 289 -5.32 -24.03 -0.51
CA THR A 289 -5.18 -25.08 0.51
C THR A 289 -3.78 -25.69 0.45
N MET A 290 -3.29 -25.94 -0.76
CA MET A 290 -1.98 -26.54 -0.93
C MET A 290 -0.90 -25.62 -0.37
N SER A 291 -1.09 -24.31 -0.51
CA SER A 291 -0.12 -23.36 0.02
C SER A 291 -0.02 -23.46 1.53
N ASN A 292 -1.15 -23.67 2.18
CA ASN A 292 -1.15 -23.83 3.63
C ASN A 292 -0.60 -25.18 4.06
N ILE A 293 -0.75 -26.19 3.20
CA ILE A 293 -0.20 -27.51 3.50
C ILE A 293 1.34 -27.47 3.42
N THR A 294 1.86 -26.79 2.40
CA THR A 294 3.31 -26.67 2.23
C THR A 294 3.92 -25.67 3.22
N ALA A 295 3.08 -25.06 4.06
CA ALA A 295 3.56 -24.23 5.14
C ALA A 295 3.81 -25.07 6.39
N GLY A 296 3.64 -26.40 6.26
CA GLY A 296 3.75 -27.32 7.37
C GLY A 296 5.10 -27.98 7.52
N ARG A 297 5.12 -29.13 8.21
CA ARG A 297 6.36 -29.82 8.52
C ARG A 297 7.00 -30.41 7.26
N GLN A 298 8.28 -30.72 7.34
CA GLN A 298 9.00 -31.29 6.21
C GLN A 298 8.42 -32.64 5.82
N ASP A 299 7.95 -33.40 6.81
CA ASP A 299 7.35 -34.70 6.55
C ASP A 299 6.01 -34.53 5.84
N GLN A 300 5.35 -33.40 6.06
CA GLN A 300 4.09 -33.12 5.38
C GLN A 300 4.36 -32.68 3.96
N ILE A 301 5.45 -31.95 3.76
CA ILE A 301 5.86 -31.56 2.42
C ILE A 301 6.22 -32.82 1.65
N GLN A 302 6.87 -33.76 2.32
CA GLN A 302 7.30 -35.00 1.68
C GLN A 302 6.11 -35.82 1.18
N GLN A 303 4.99 -35.70 1.89
CA GLN A 303 3.78 -36.39 1.47
C GLN A 303 3.18 -35.71 0.25
N VAL A 304 3.35 -34.39 0.15
CA VAL A 304 2.89 -33.66 -1.03
C VAL A 304 3.69 -34.14 -2.24
N VAL A 305 4.97 -34.41 -2.01
CA VAL A 305 5.84 -34.92 -3.05
C VAL A 305 5.44 -36.35 -3.42
N ASN A 306 5.26 -37.20 -2.41
CA ASN A 306 4.96 -38.60 -2.63
C ASN A 306 3.65 -38.81 -3.40
N HIS A 307 2.68 -37.92 -3.21
CA HIS A 307 1.40 -38.02 -3.90
C HIS A 307 1.45 -37.34 -5.27
N GLY A 308 2.65 -36.92 -5.68
CA GLY A 308 2.88 -36.42 -7.03
C GLY A 308 2.22 -35.09 -7.32
N LEU A 309 2.10 -34.24 -6.30
CA LEU A 309 1.35 -32.99 -6.47
C LEU A 309 2.20 -31.83 -7.00
N VAL A 310 3.52 -31.93 -6.88
CA VAL A 310 4.38 -30.83 -7.29
C VAL A 310 4.22 -30.48 -8.78
N PRO A 311 4.24 -31.50 -9.68
CA PRO A 311 4.02 -31.19 -11.10
C PRO A 311 2.69 -30.51 -11.39
N PHE A 312 1.69 -30.74 -10.55
CA PHE A 312 0.38 -30.10 -10.72
C PHE A 312 0.41 -28.66 -10.24
N LEU A 313 1.19 -28.40 -9.19
CA LEU A 313 1.38 -27.03 -8.71
C LEU A 313 2.13 -26.23 -9.76
N VAL A 314 3.19 -26.82 -10.32
CA VAL A 314 3.93 -26.20 -11.41
C VAL A 314 2.98 -25.94 -12.57
N GLY A 315 2.05 -26.87 -12.79
CA GLY A 315 1.05 -26.73 -13.84
C GLY A 315 0.16 -25.52 -13.62
N VAL A 316 -0.42 -25.42 -12.42
CA VAL A 316 -1.27 -24.29 -12.07
C VAL A 316 -0.52 -22.97 -12.25
N LEU A 317 0.73 -22.95 -11.80
CA LEU A 317 1.57 -21.77 -11.86
C LEU A 317 1.79 -21.31 -13.30
N SER A 318 1.66 -22.23 -14.25
CA SER A 318 1.96 -21.94 -15.66
C SER A 318 0.76 -21.45 -16.47
N LYS A 319 -0.43 -22.03 -16.22
CA LYS A 319 -1.57 -21.84 -17.13
C LYS A 319 -2.81 -21.25 -16.47
N ALA A 320 -2.86 -21.24 -15.14
CA ALA A 320 -4.05 -20.75 -14.45
C ALA A 320 -4.16 -19.23 -14.55
N ASP A 321 -5.34 -18.70 -14.23
CA ASP A 321 -5.52 -17.25 -14.18
C ASP A 321 -4.60 -16.66 -13.11
N PHE A 322 -4.38 -15.35 -13.17
CA PHE A 322 -3.43 -14.72 -12.26
C PHE A 322 -3.81 -14.93 -10.79
N LYS A 323 -5.10 -14.82 -10.47
CA LYS A 323 -5.57 -15.02 -9.11
C LYS A 323 -5.08 -16.36 -8.55
N THR A 324 -5.24 -17.42 -9.34
CA THR A 324 -4.85 -18.76 -8.93
C THR A 324 -3.33 -18.91 -8.97
N GLN A 325 -2.69 -18.22 -9.90
CA GLN A 325 -1.23 -18.22 -10.00
C GLN A 325 -0.62 -17.66 -8.72
N LYS A 326 -1.22 -16.60 -8.18
CA LYS A 326 -0.74 -16.01 -6.92
C LYS A 326 -0.72 -17.06 -5.82
N GLU A 327 -1.82 -17.78 -5.66
CA GLU A 327 -1.91 -18.82 -4.64
C GLU A 327 -0.83 -19.88 -4.86
N ALA A 328 -0.59 -20.21 -6.12
CA ALA A 328 0.42 -21.22 -6.46
C ALA A 328 1.81 -20.74 -6.08
N ALA A 329 2.06 -19.47 -6.32
CA ALA A 329 3.34 -18.87 -5.96
C ALA A 329 3.60 -18.99 -4.48
N TRP A 330 2.57 -18.73 -3.68
CA TRP A 330 2.68 -18.82 -2.24
C TRP A 330 3.04 -20.26 -1.83
N ALA A 331 2.42 -21.22 -2.50
CA ALA A 331 2.66 -22.63 -2.19
C ALA A 331 4.12 -22.98 -2.44
N ILE A 332 4.70 -22.42 -3.49
CA ILE A 332 6.08 -22.71 -3.83
C ILE A 332 7.03 -22.07 -2.80
N THR A 333 6.73 -20.84 -2.40
CA THR A 333 7.56 -20.14 -1.42
C THR A 333 7.59 -20.88 -0.09
N ASN A 334 6.42 -21.29 0.40
CA ASN A 334 6.34 -22.02 1.66
C ASN A 334 7.09 -23.33 1.56
N TYR A 335 6.94 -23.97 0.39
CA TYR A 335 7.64 -25.21 0.07
C TYR A 335 9.15 -25.04 0.18
N THR A 336 9.68 -24.06 -0.55
CA THR A 336 11.12 -23.83 -0.58
C THR A 336 11.62 -23.25 0.73
N SER A 337 10.70 -22.66 1.49
CA SER A 337 11.05 -22.04 2.78
C SER A 337 11.26 -23.10 3.86
N GLY A 338 10.39 -24.10 3.90
CA GLY A 338 10.43 -25.11 4.94
C GLY A 338 11.02 -26.43 4.48
N GLY A 339 11.14 -26.61 3.17
CA GLY A 339 11.59 -27.88 2.62
C GLY A 339 13.05 -28.19 2.91
N THR A 340 13.39 -29.46 2.72
CA THR A 340 14.78 -29.90 2.80
C THR A 340 15.48 -29.58 1.49
N VAL A 341 16.81 -29.67 1.48
CA VAL A 341 17.57 -29.46 0.26
C VAL A 341 17.10 -30.41 -0.84
N GLU A 342 16.97 -31.69 -0.48
CA GLU A 342 16.55 -32.71 -1.43
C GLU A 342 15.17 -32.38 -2.01
N GLN A 343 14.26 -31.89 -1.16
CA GLN A 343 12.93 -31.53 -1.61
C GLN A 343 12.99 -30.37 -2.61
N ILE A 344 13.93 -29.45 -2.42
CA ILE A 344 14.08 -28.30 -3.31
C ILE A 344 14.71 -28.72 -4.64
N VAL A 345 15.66 -29.63 -4.58
CA VAL A 345 16.26 -30.18 -5.79
C VAL A 345 15.18 -30.83 -6.65
N TYR A 346 14.27 -31.55 -6.01
CA TYR A 346 13.17 -32.21 -6.71
C TYR A 346 12.27 -31.15 -7.35
N LEU A 347 12.05 -30.05 -6.64
CA LEU A 347 11.21 -28.98 -7.16
C LEU A 347 11.81 -28.41 -8.44
N VAL A 348 13.12 -28.24 -8.46
CA VAL A 348 13.80 -27.70 -9.63
C VAL A 348 13.71 -28.71 -10.78
N HIS A 349 13.79 -30.00 -10.45
CA HIS A 349 13.69 -31.05 -11.46
C HIS A 349 12.32 -31.05 -12.13
N CYS A 350 11.30 -30.61 -11.41
CA CYS A 350 9.95 -30.56 -11.93
C CYS A 350 9.71 -29.32 -12.80
N GLY A 351 10.74 -28.49 -12.98
CA GLY A 351 10.67 -27.36 -13.89
C GLY A 351 9.97 -26.12 -13.34
N ILE A 352 10.24 -25.80 -12.07
CA ILE A 352 9.58 -24.67 -11.42
C ILE A 352 10.13 -23.33 -11.89
N ILE A 353 11.38 -23.32 -12.34
CA ILE A 353 12.09 -22.06 -12.61
C ILE A 353 11.40 -21.19 -13.65
N GLU A 354 11.20 -21.71 -14.85
CA GLU A 354 10.66 -20.88 -15.93
C GLU A 354 9.26 -20.33 -15.60
N PRO A 355 8.37 -21.19 -15.06
CA PRO A 355 7.06 -20.64 -14.65
C PRO A 355 7.14 -19.56 -13.58
N LEU A 356 8.11 -19.66 -12.67
CA LEU A 356 8.31 -18.63 -11.65
C LEU A 356 8.77 -17.33 -12.27
N MET A 357 9.82 -17.41 -13.08
CA MET A 357 10.41 -16.23 -13.70
C MET A 357 9.39 -15.46 -14.53
N ASN A 358 8.48 -16.17 -15.19
CA ASN A 358 7.52 -15.52 -16.08
C ASN A 358 6.55 -14.63 -15.32
N LEU A 359 6.34 -14.93 -14.04
CA LEU A 359 5.40 -14.18 -13.22
C LEU A 359 6.01 -12.90 -12.64
N LEU A 360 7.32 -12.73 -12.81
CA LEU A 360 7.99 -11.49 -12.41
C LEU A 360 7.57 -10.32 -13.29
N SER A 361 6.96 -10.61 -14.42
CA SER A 361 6.48 -9.58 -15.33
C SER A 361 5.12 -9.04 -14.89
N ALA A 362 4.48 -9.75 -13.95
CA ALA A 362 3.15 -9.39 -13.49
C ALA A 362 3.12 -8.01 -12.83
N LYS A 363 1.98 -7.34 -12.96
CA LYS A 363 1.79 -6.01 -12.37
C LYS A 363 1.23 -6.13 -10.95
N ASP A 364 1.94 -6.89 -10.11
CA ASP A 364 1.53 -7.11 -8.74
C ASP A 364 2.77 -7.19 -7.85
N THR A 365 2.91 -6.21 -6.96
CA THR A 365 4.12 -6.08 -6.15
C THR A 365 4.30 -7.25 -5.19
N LYS A 366 3.19 -7.77 -4.68
CA LYS A 366 3.26 -8.80 -3.64
C LYS A 366 3.78 -10.12 -4.18
N ILE A 367 3.21 -10.60 -5.29
CA ILE A 367 3.64 -11.88 -5.87
C ILE A 367 5.11 -11.82 -6.28
N ILE A 368 5.58 -10.65 -6.70
CA ILE A 368 6.98 -10.46 -7.05
C ILE A 368 7.89 -10.73 -5.84
N GLN A 369 7.50 -10.19 -4.68
CA GLN A 369 8.23 -10.45 -3.45
C GLN A 369 8.24 -11.95 -3.13
N VAL A 370 7.07 -12.57 -3.26
CA VAL A 370 6.91 -14.00 -2.98
C VAL A 370 7.86 -14.84 -3.84
N ILE A 371 7.89 -14.54 -5.14
CA ILE A 371 8.74 -15.29 -6.05
C ILE A 371 10.22 -15.04 -5.73
N LEU A 372 10.57 -13.79 -5.47
CA LEU A 372 11.95 -13.44 -5.16
C LEU A 372 12.40 -14.19 -3.91
N ASP A 373 11.49 -14.35 -2.95
CA ASP A 373 11.79 -15.10 -1.74
C ASP A 373 12.00 -16.57 -2.08
N ALA A 374 11.20 -17.08 -3.02
CA ALA A 374 11.32 -18.47 -3.44
C ALA A 374 12.67 -18.73 -4.11
N ILE A 375 13.03 -17.84 -5.02
CA ILE A 375 14.30 -17.95 -5.74
C ILE A 375 15.46 -17.89 -4.76
N SER A 376 15.38 -16.98 -3.81
CA SER A 376 16.42 -16.84 -2.79
C SER A 376 16.55 -18.12 -1.99
N ASN A 377 15.42 -18.72 -1.62
CA ASN A 377 15.43 -19.98 -0.89
C ASN A 377 16.11 -21.09 -1.69
N ILE A 378 15.84 -21.14 -2.99
CA ILE A 378 16.41 -22.19 -3.83
C ILE A 378 17.92 -22.01 -3.92
N PHE A 379 18.36 -20.76 -4.04
CA PHE A 379 19.79 -20.46 -4.10
C PHE A 379 20.50 -20.90 -2.81
N GLN A 380 19.82 -20.75 -1.68
CA GLN A 380 20.39 -21.16 -0.39
C GLN A 380 20.65 -22.67 -0.39
N ALA A 381 19.71 -23.43 -0.92
CA ALA A 381 19.87 -24.87 -1.07
C ALA A 381 20.98 -25.17 -2.08
N ALA A 382 21.12 -24.30 -3.07
CA ALA A 382 22.18 -24.46 -4.07
C ALA A 382 23.54 -24.14 -3.45
N GLU A 383 23.57 -23.24 -2.49
CA GLU A 383 24.81 -22.90 -1.78
C GLU A 383 25.35 -24.14 -1.07
N LYS A 384 24.51 -24.74 -0.24
CA LYS A 384 24.89 -25.92 0.54
C LYS A 384 25.40 -27.03 -0.38
N LEU A 385 24.74 -27.21 -1.52
CA LEU A 385 25.13 -28.23 -2.49
C LEU A 385 26.35 -27.84 -3.31
N GLY A 386 26.71 -26.56 -3.29
CA GLY A 386 27.83 -26.06 -4.06
C GLY A 386 27.54 -26.10 -5.55
N GLU A 387 26.35 -25.67 -5.93
CA GLU A 387 25.91 -25.68 -7.32
C GLU A 387 25.12 -24.42 -7.67
N THR A 388 25.56 -23.28 -7.14
CA THR A 388 24.90 -22.01 -7.44
C THR A 388 25.12 -21.64 -8.90
N GLU A 389 26.26 -22.05 -9.45
CA GLU A 389 26.57 -21.80 -10.86
C GLU A 389 25.59 -22.53 -11.77
N LYS A 390 25.30 -23.79 -11.43
CA LYS A 390 24.35 -24.58 -12.21
C LYS A 390 22.98 -23.96 -12.16
N LEU A 391 22.60 -23.43 -11.00
CA LEU A 391 21.30 -22.79 -10.85
C LEU A 391 21.27 -21.46 -11.59
N SER A 392 22.39 -20.74 -11.55
CA SER A 392 22.50 -19.46 -12.26
C SER A 392 22.27 -19.64 -13.74
N ILE A 393 22.90 -20.65 -14.31
CA ILE A 393 22.77 -20.94 -15.74
C ILE A 393 21.33 -21.31 -16.08
N MET A 394 20.68 -22.08 -15.21
CA MET A 394 19.29 -22.47 -15.43
C MET A 394 18.40 -21.26 -15.55
N ILE A 395 18.58 -20.31 -14.65
CA ILE A 395 17.78 -19.09 -14.64
C ILE A 395 18.02 -18.32 -15.93
N GLU A 396 19.25 -18.36 -16.42
CA GLU A 396 19.61 -17.67 -17.65
C GLU A 396 18.95 -18.35 -18.85
N GLU A 397 18.83 -19.67 -18.80
CA GLU A 397 18.24 -20.46 -19.88
C GLU A 397 16.71 -20.38 -19.89
N CYS A 398 16.15 -19.92 -18.78
CA CYS A 398 14.70 -19.76 -18.65
C CYS A 398 14.27 -18.30 -18.81
N GLY A 399 15.20 -17.44 -19.22
CA GLY A 399 14.92 -16.03 -19.44
C GLY A 399 14.63 -15.29 -18.15
N GLY A 400 15.15 -15.81 -17.04
CA GLY A 400 14.90 -15.23 -15.73
C GLY A 400 15.81 -14.07 -15.39
N LEU A 401 17.05 -14.13 -15.87
CA LEU A 401 18.05 -13.11 -15.52
C LEU A 401 17.65 -11.72 -16.00
N ASP A 402 17.03 -11.65 -17.17
CA ASP A 402 16.60 -10.36 -17.73
C ASP A 402 15.51 -9.73 -16.86
N LYS A 403 14.63 -10.56 -16.32
CA LYS A 403 13.49 -10.08 -15.54
C LYS A 403 13.94 -9.60 -14.17
N ILE A 404 14.85 -10.35 -13.54
CA ILE A 404 15.41 -9.92 -12.25
C ILE A 404 16.21 -8.63 -12.43
N GLU A 405 16.79 -8.45 -13.61
CA GLU A 405 17.53 -7.23 -13.92
C GLU A 405 16.59 -6.03 -13.99
N ALA A 406 15.37 -6.27 -14.46
CA ALA A 406 14.39 -5.20 -14.63
C ALA A 406 13.82 -4.75 -13.28
N LEU A 407 13.78 -5.67 -12.33
CA LEU A 407 13.22 -5.37 -11.01
C LEU A 407 14.14 -4.51 -10.17
N GLN A 408 15.33 -4.21 -10.68
CA GLN A 408 16.25 -3.30 -9.99
C GLN A 408 15.74 -1.87 -10.09
N ARG A 409 15.09 -1.54 -11.21
CA ARG A 409 14.46 -0.24 -11.39
C ARG A 409 12.97 -0.33 -11.06
N HIS A 410 12.67 -0.90 -9.89
CA HIS A 410 11.30 -1.07 -9.42
C HIS A 410 11.02 -0.15 -8.24
N GLU A 411 9.81 0.37 -8.16
CA GLU A 411 9.43 1.34 -7.13
C GLU A 411 9.54 0.77 -5.71
N ASN A 412 9.08 -0.46 -5.53
CA ASN A 412 9.08 -1.07 -4.21
C ASN A 412 10.49 -1.31 -3.68
N GLU A 413 10.62 -1.30 -2.36
CA GLU A 413 11.92 -1.41 -1.72
C GLU A 413 12.38 -2.86 -1.65
N SER A 414 11.48 -3.74 -1.22
CA SER A 414 11.79 -5.16 -1.08
C SER A 414 12.15 -5.77 -2.43
N VAL A 415 11.57 -5.23 -3.49
CA VAL A 415 11.80 -5.77 -4.83
C VAL A 415 13.21 -5.45 -5.33
N TYR A 416 13.64 -4.21 -5.14
CA TYR A 416 14.92 -3.78 -5.69
C TYR A 416 16.08 -4.23 -4.81
N LYS A 417 15.85 -4.35 -3.50
CA LYS A 417 16.89 -4.82 -2.59
C LYS A 417 17.13 -6.31 -2.83
N ALA A 418 16.05 -7.05 -3.07
CA ALA A 418 16.14 -8.49 -3.28
C ALA A 418 16.84 -8.79 -4.60
N SER A 419 16.49 -8.03 -5.63
CA SER A 419 17.10 -8.17 -6.94
C SER A 419 18.61 -7.93 -6.85
N LEU A 420 18.97 -6.78 -6.27
CA LEU A 420 20.36 -6.41 -6.09
C LEU A 420 21.14 -7.53 -5.40
N ASN A 421 20.55 -8.05 -4.32
CA ASN A 421 21.18 -9.10 -3.53
C ASN A 421 21.50 -10.33 -4.38
N LEU A 422 20.63 -10.63 -5.35
CA LEU A 422 20.78 -11.83 -6.17
C LEU A 422 21.84 -11.65 -7.27
N ILE A 423 21.87 -10.46 -7.88
CA ILE A 423 22.85 -10.19 -8.93
C ILE A 423 24.26 -10.21 -8.37
N GLU A 424 24.48 -9.46 -7.29
CA GLU A 424 25.79 -9.36 -6.67
C GLU A 424 26.34 -10.72 -6.29
N LYS A 425 25.45 -11.59 -5.80
CA LYS A 425 25.86 -12.90 -5.32
C LYS A 425 26.13 -13.89 -6.44
N TYR A 426 25.20 -13.99 -7.38
CA TYR A 426 25.17 -15.11 -8.32
C TYR A 426 25.29 -14.74 -9.79
N PHE A 427 25.09 -13.46 -10.11
CA PHE A 427 25.11 -13.03 -11.51
C PHE A 427 26.07 -11.87 -11.74
N SER A 428 27.11 -11.79 -10.92
CA SER A 428 28.18 -10.83 -11.13
C SER A 428 29.12 -11.35 -12.21
N VAL A 429 30.27 -10.70 -12.39
CA VAL A 429 31.24 -11.14 -13.37
C VAL A 429 31.98 -12.38 -12.90
N GLN B 2 2.98 51.85 -15.89
CA GLN B 2 2.99 52.46 -17.22
C GLN B 2 4.34 52.30 -17.90
N GLY B 3 4.65 51.11 -18.42
CA GLY B 3 3.78 49.95 -18.35
C GLY B 3 2.79 49.82 -19.51
N THR B 4 3.26 50.16 -20.72
CA THR B 4 2.43 50.00 -21.92
C THR B 4 3.25 50.26 -23.19
N VAL B 5 2.58 50.70 -24.27
CA VAL B 5 3.18 51.12 -25.54
C VAL B 5 3.32 49.89 -26.46
N ASN B 6 4.27 49.93 -27.40
CA ASN B 6 4.75 48.79 -28.21
C ASN B 6 4.28 48.81 -29.68
N TRP B 7 4.80 47.86 -30.45
CA TRP B 7 4.44 47.66 -31.85
C TRP B 7 3.54 46.44 -32.01
N SER B 8 3.15 46.18 -33.25
CA SER B 8 2.50 44.92 -33.60
C SER B 8 3.57 43.94 -34.06
N VAL B 9 3.30 42.65 -33.91
CA VAL B 9 4.26 41.63 -34.30
C VAL B 9 4.49 41.69 -35.82
N GLU B 10 3.54 42.27 -36.54
CA GLU B 10 3.66 42.41 -37.98
C GLU B 10 4.69 43.48 -38.34
N ASP B 11 4.69 44.57 -37.58
CA ASP B 11 5.59 45.71 -37.86
C ASP B 11 7.04 45.35 -37.60
N ILE B 12 7.29 44.72 -36.46
CA ILE B 12 8.64 44.25 -36.11
C ILE B 12 9.18 43.34 -37.21
N VAL B 13 8.34 42.41 -37.68
CA VAL B 13 8.75 41.49 -38.74
C VAL B 13 9.16 42.28 -39.98
N LYS B 14 8.32 43.23 -40.38
CA LYS B 14 8.63 44.13 -41.49
C LYS B 14 9.98 44.82 -41.25
N GLY B 15 10.24 45.17 -40.00
CA GLY B 15 11.45 45.88 -39.66
C GLY B 15 12.71 45.03 -39.67
N ILE B 16 12.57 43.77 -39.27
CA ILE B 16 13.72 42.86 -39.20
C ILE B 16 14.07 42.31 -40.58
N ASN B 17 13.06 42.06 -41.41
CA ASN B 17 13.30 41.58 -42.76
C ASN B 17 13.92 42.64 -43.66
N SER B 18 13.90 43.90 -43.19
CA SER B 18 14.50 44.99 -43.92
C SER B 18 16.01 44.82 -44.05
N ASN B 19 16.61 45.60 -44.94
CA ASN B 19 18.06 45.58 -45.13
C ASN B 19 18.73 46.77 -44.46
N ASN B 20 17.92 47.75 -44.05
CA ASN B 20 18.43 48.87 -43.29
C ASN B 20 18.75 48.42 -41.87
N LEU B 21 19.98 48.70 -41.43
CA LEU B 21 20.43 48.24 -40.12
C LEU B 21 19.65 48.93 -39.00
N GLU B 22 19.38 50.21 -39.19
CA GLU B 22 18.59 50.96 -38.21
C GLU B 22 17.22 50.34 -38.03
N SER B 23 16.54 50.08 -39.14
CA SER B 23 15.19 49.51 -39.09
C SER B 23 15.19 48.18 -38.36
N GLN B 24 16.24 47.40 -38.56
CA GLN B 24 16.38 46.11 -37.88
C GLN B 24 16.57 46.32 -36.38
N LEU B 25 17.31 47.37 -36.01
CA LEU B 25 17.60 47.64 -34.61
C LEU B 25 16.33 48.08 -33.88
N GLN B 26 15.59 49.00 -34.49
CA GLN B 26 14.35 49.50 -33.91
C GLN B 26 13.38 48.34 -33.70
N ALA B 27 13.31 47.45 -34.69
CA ALA B 27 12.42 46.31 -34.61
C ALA B 27 12.84 45.38 -33.48
N THR B 28 14.15 45.16 -33.36
CA THR B 28 14.70 44.29 -32.32
C THR B 28 14.50 44.93 -30.94
N GLN B 29 14.51 46.25 -30.90
CA GLN B 29 14.23 46.96 -29.66
C GLN B 29 12.77 46.77 -29.29
N ALA B 30 11.88 46.98 -30.25
CA ALA B 30 10.44 46.80 -30.02
C ALA B 30 10.15 45.36 -29.62
N ALA B 31 10.96 44.44 -30.12
CA ALA B 31 10.85 43.04 -29.73
C ALA B 31 11.12 42.93 -28.23
N ARG B 32 12.27 43.46 -27.83
CA ARG B 32 12.70 43.39 -26.44
C ARG B 32 11.70 44.06 -25.52
N LYS B 33 11.08 45.14 -25.98
CA LYS B 33 10.07 45.83 -25.18
C LYS B 33 8.85 44.94 -24.95
N LEU B 34 8.39 44.27 -26.00
CA LEU B 34 7.23 43.39 -25.89
C LEU B 34 7.52 42.19 -24.98
N LEU B 35 8.62 41.52 -25.24
CA LEU B 35 8.99 40.31 -24.51
C LEU B 35 9.40 40.61 -23.07
N SER B 36 9.68 41.88 -22.78
CA SER B 36 10.12 42.29 -21.45
C SER B 36 8.99 43.00 -20.69
N ARG B 37 7.88 43.25 -21.36
CA ARG B 37 6.77 43.98 -20.77
C ARG B 37 6.05 43.13 -19.74
N GLU B 38 5.51 43.79 -18.72
CA GLU B 38 4.75 43.15 -17.65
C GLU B 38 3.24 43.34 -17.91
N LYS B 39 2.53 42.29 -18.38
CA LYS B 39 3.08 40.97 -18.63
C LYS B 39 2.27 40.27 -19.72
N GLN B 40 2.28 38.94 -19.71
CA GLN B 40 1.69 38.14 -20.79
C GLN B 40 2.33 38.49 -22.15
N PRO B 41 3.67 38.41 -22.23
CA PRO B 41 4.36 38.70 -23.49
C PRO B 41 4.00 37.70 -24.59
N PRO B 42 3.92 38.16 -25.85
CA PRO B 42 3.49 37.29 -26.95
C PRO B 42 4.64 36.44 -27.49
N ILE B 43 5.21 35.61 -26.62
CA ILE B 43 6.35 34.77 -26.97
C ILE B 43 6.03 33.88 -28.17
N ASP B 44 4.96 33.10 -28.06
CA ASP B 44 4.57 32.17 -29.10
C ASP B 44 4.33 32.85 -30.44
N ASN B 45 3.77 34.06 -30.39
CA ASN B 45 3.53 34.82 -31.61
C ASN B 45 4.85 35.24 -32.28
N ILE B 46 5.84 35.61 -31.46
CA ILE B 46 7.15 35.98 -31.96
C ILE B 46 7.82 34.78 -32.62
N ILE B 47 7.63 33.60 -32.02
CA ILE B 47 8.19 32.37 -32.57
C ILE B 47 7.52 32.03 -33.90
N ARG B 48 6.20 32.17 -33.94
CA ARG B 48 5.44 31.86 -35.15
C ARG B 48 5.87 32.72 -36.33
N ALA B 49 6.40 33.91 -36.02
CA ALA B 49 6.85 34.83 -37.06
C ALA B 49 8.18 34.39 -37.66
N GLY B 50 8.83 33.42 -37.01
CA GLY B 50 10.12 32.93 -37.46
C GLY B 50 11.22 33.93 -37.18
N LEU B 51 11.18 34.52 -36.00
CA LEU B 51 12.11 35.58 -35.63
C LEU B 51 13.31 35.07 -34.85
N ILE B 52 13.19 33.89 -34.27
CA ILE B 52 14.28 33.35 -33.46
C ILE B 52 15.58 33.22 -34.26
N PRO B 53 15.53 32.61 -35.46
CA PRO B 53 16.76 32.47 -36.25
C PRO B 53 17.39 33.82 -36.58
N LYS B 54 16.54 34.84 -36.77
CA LYS B 54 17.00 36.18 -37.09
C LYS B 54 17.76 36.80 -35.91
N PHE B 55 17.17 36.68 -34.72
CA PHE B 55 17.80 37.14 -33.49
C PHE B 55 19.16 36.47 -33.31
N VAL B 56 19.20 35.16 -33.55
CA VAL B 56 20.43 34.38 -33.39
C VAL B 56 21.50 34.84 -34.37
N SER B 57 21.08 35.20 -35.58
CA SER B 57 22.04 35.69 -36.57
C SER B 57 22.57 37.06 -36.15
N PHE B 58 21.73 37.84 -35.49
CA PHE B 58 22.15 39.16 -35.02
C PHE B 58 23.17 39.02 -33.89
N LEU B 59 23.09 37.94 -33.13
CA LEU B 59 24.06 37.70 -32.07
C LEU B 59 25.47 37.68 -32.63
N GLY B 60 25.59 37.32 -33.90
CA GLY B 60 26.88 37.25 -34.56
C GLY B 60 27.31 38.56 -35.20
N LYS B 61 26.41 39.54 -35.22
CA LYS B 61 26.72 40.84 -35.80
C LYS B 61 27.68 41.60 -34.88
N THR B 62 28.93 41.18 -34.89
CA THR B 62 29.96 41.79 -34.05
C THR B 62 30.19 43.27 -34.42
N ASP B 63 29.73 43.63 -35.62
CA ASP B 63 29.85 45.00 -36.11
C ASP B 63 28.70 45.89 -35.64
N CYS B 64 27.95 45.42 -34.64
CA CYS B 64 26.85 46.21 -34.08
C CYS B 64 26.45 45.66 -32.70
N SER B 65 27.10 46.18 -31.67
CA SER B 65 26.84 45.75 -30.30
C SER B 65 25.38 45.96 -29.86
N PRO B 66 24.77 47.09 -30.24
CA PRO B 66 23.37 47.31 -29.84
C PRO B 66 22.41 46.19 -30.23
N ILE B 67 22.42 45.75 -31.48
CA ILE B 67 21.48 44.73 -31.92
C ILE B 67 21.83 43.36 -31.33
N GLN B 68 23.12 43.14 -31.05
CA GLN B 68 23.55 41.96 -30.32
C GLN B 68 22.91 41.92 -28.94
N PHE B 69 22.96 43.06 -28.26
CA PHE B 69 22.42 43.18 -26.92
C PHE B 69 20.91 43.00 -26.93
N GLU B 70 20.23 43.73 -27.82
CA GLU B 70 18.78 43.66 -27.89
C GLU B 70 18.31 42.25 -28.26
N SER B 71 19.03 41.60 -29.16
CA SER B 71 18.67 40.26 -29.59
C SER B 71 18.92 39.27 -28.47
N ALA B 72 20.02 39.45 -27.76
CA ALA B 72 20.37 38.57 -26.65
C ALA B 72 19.31 38.67 -25.54
N TRP B 73 18.79 39.88 -25.34
CA TRP B 73 17.76 40.11 -24.34
C TRP B 73 16.46 39.41 -24.75
N ALA B 74 16.05 39.62 -26.00
CA ALA B 74 14.82 39.00 -26.51
C ALA B 74 14.88 37.49 -26.37
N LEU B 75 15.98 36.90 -26.81
CA LEU B 75 16.14 35.45 -26.77
C LEU B 75 16.13 34.96 -25.33
N THR B 76 16.67 35.75 -24.42
CA THR B 76 16.70 35.37 -23.01
C THR B 76 15.29 35.21 -22.48
N ASN B 77 14.43 36.18 -22.77
CA ASN B 77 13.05 36.16 -22.30
C ASN B 77 12.23 35.04 -22.95
N ILE B 78 12.54 34.71 -24.21
CA ILE B 78 11.90 33.58 -24.86
C ILE B 78 12.36 32.29 -24.18
N ALA B 79 13.65 32.23 -23.88
CA ALA B 79 14.23 31.05 -23.24
C ALA B 79 13.77 30.88 -21.79
N SER B 80 13.21 31.94 -21.22
CA SER B 80 12.79 31.91 -19.82
C SER B 80 11.41 31.26 -19.65
N GLY B 81 10.73 31.01 -20.77
CA GLY B 81 9.38 30.50 -20.74
C GLY B 81 9.29 28.98 -20.63
N THR B 82 8.32 28.39 -21.33
CA THR B 82 8.10 26.96 -21.29
C THR B 82 9.21 26.19 -21.99
N SER B 83 9.21 24.88 -21.82
CA SER B 83 10.19 24.02 -22.47
C SER B 83 10.07 24.09 -23.98
N GLU B 84 8.83 24.09 -24.47
CA GLU B 84 8.58 24.20 -25.90
C GLU B 84 9.15 25.50 -26.44
N GLN B 85 9.04 26.56 -25.64
CA GLN B 85 9.54 27.87 -26.04
C GLN B 85 11.06 27.93 -25.96
N THR B 86 11.63 27.33 -24.93
CA THR B 86 13.08 27.28 -24.79
C THR B 86 13.66 26.45 -25.93
N LYS B 87 12.95 25.39 -26.30
CA LYS B 87 13.43 24.49 -27.35
C LYS B 87 13.51 25.21 -28.69
N ALA B 88 12.56 26.10 -28.95
CA ALA B 88 12.55 26.86 -30.18
C ALA B 88 13.81 27.72 -30.28
N VAL B 89 14.29 28.21 -29.14
CA VAL B 89 15.52 28.99 -29.08
C VAL B 89 16.74 28.11 -29.35
N VAL B 90 16.73 26.91 -28.82
CA VAL B 90 17.83 25.97 -29.02
C VAL B 90 17.89 25.50 -30.47
N ASP B 91 16.73 25.13 -31.02
CA ASP B 91 16.66 24.70 -32.41
C ASP B 91 17.05 25.83 -33.35
N GLY B 92 16.95 27.06 -32.86
CA GLY B 92 17.38 28.22 -33.63
C GLY B 92 18.88 28.41 -33.59
N GLY B 93 19.59 27.51 -32.91
CA GLY B 93 21.04 27.55 -32.84
C GLY B 93 21.57 28.65 -31.95
N ALA B 94 20.80 29.02 -30.94
CA ALA B 94 21.16 30.12 -30.05
C ALA B 94 22.36 29.81 -29.17
N ILE B 95 22.48 28.56 -28.75
CA ILE B 95 23.50 28.17 -27.78
C ILE B 95 24.94 28.51 -28.22
N PRO B 96 25.39 27.96 -29.36
CA PRO B 96 26.76 28.29 -29.77
C PRO B 96 26.97 29.78 -30.02
N ALA B 97 25.91 30.49 -30.42
CA ALA B 97 26.01 31.93 -30.66
C ALA B 97 26.21 32.71 -29.35
N PHE B 98 25.51 32.29 -28.29
CA PHE B 98 25.66 32.93 -26.98
C PHE B 98 27.06 32.69 -26.41
N ILE B 99 27.57 31.47 -26.59
CA ILE B 99 28.87 31.11 -26.05
C ILE B 99 29.96 31.94 -26.70
N SER B 100 29.78 32.28 -27.98
CA SER B 100 30.72 33.12 -28.70
C SER B 100 30.73 34.54 -28.12
N LEU B 101 29.62 34.91 -27.50
CA LEU B 101 29.44 36.26 -26.96
C LEU B 101 30.04 36.40 -25.56
N LEU B 102 30.29 35.28 -24.89
CA LEU B 102 30.81 35.30 -23.53
C LEU B 102 32.12 36.07 -23.42
N ALA B 103 32.90 36.07 -24.50
CA ALA B 103 34.22 36.70 -24.48
C ALA B 103 34.19 38.13 -25.02
N SER B 104 32.98 38.66 -25.24
CA SER B 104 32.83 40.02 -25.78
C SER B 104 33.52 41.05 -24.90
N PRO B 105 34.12 42.09 -25.51
CA PRO B 105 34.74 43.15 -24.71
C PRO B 105 33.69 44.02 -24.01
N HIS B 106 32.44 43.86 -24.40
CA HIS B 106 31.32 44.56 -23.78
C HIS B 106 30.70 43.72 -22.67
N ALA B 107 31.03 44.05 -21.44
CA ALA B 107 30.65 43.24 -20.28
C ALA B 107 29.15 42.99 -20.21
N HIS B 108 28.36 44.00 -20.55
CA HIS B 108 26.91 43.88 -20.45
C HIS B 108 26.35 42.88 -21.45
N ILE B 109 27.00 42.76 -22.62
CA ILE B 109 26.60 41.77 -23.61
C ILE B 109 27.00 40.38 -23.13
N SER B 110 28.23 40.26 -22.62
CA SER B 110 28.70 39.00 -22.06
C SER B 110 27.77 38.52 -20.97
N GLU B 111 27.39 39.42 -20.08
CA GLU B 111 26.50 39.10 -18.97
C GLU B 111 25.17 38.54 -19.46
N GLN B 112 24.63 39.15 -20.51
CA GLN B 112 23.33 38.73 -21.03
C GLN B 112 23.44 37.32 -21.59
N ALA B 113 24.58 37.00 -22.20
CA ALA B 113 24.79 35.67 -22.77
C ALA B 113 24.85 34.63 -21.65
N VAL B 114 25.52 34.99 -20.56
CA VAL B 114 25.56 34.14 -19.38
C VAL B 114 24.14 33.87 -18.91
N TRP B 115 23.33 34.92 -18.80
CA TRP B 115 21.94 34.80 -18.38
C TRP B 115 21.18 33.85 -19.31
N ALA B 116 21.30 34.07 -20.61
CA ALA B 116 20.63 33.24 -21.60
C ALA B 116 21.00 31.76 -21.45
N LEU B 117 22.29 31.48 -21.36
CA LEU B 117 22.74 30.10 -21.20
C LEU B 117 22.19 29.52 -19.90
N GLY B 118 22.00 30.38 -18.90
CA GLY B 118 21.47 29.95 -17.62
C GLY B 118 20.04 29.45 -17.72
N ASN B 119 19.21 30.13 -18.50
CA ASN B 119 17.83 29.71 -18.68
C ASN B 119 17.72 28.43 -19.49
N ILE B 120 18.59 28.27 -20.48
CA ILE B 120 18.58 27.09 -21.33
C ILE B 120 18.96 25.86 -20.53
N ALA B 121 20.10 25.92 -19.85
CA ALA B 121 20.58 24.79 -19.07
C ALA B 121 19.61 24.48 -17.94
N GLY B 122 18.94 25.51 -17.44
CA GLY B 122 18.02 25.35 -16.33
C GLY B 122 16.76 24.62 -16.71
N ASP B 123 16.52 24.46 -18.00
CA ASP B 123 15.31 23.80 -18.48
C ASP B 123 15.31 22.33 -18.11
N GLY B 124 16.50 21.73 -18.05
CA GLY B 124 16.62 20.31 -17.75
C GLY B 124 17.98 19.75 -18.11
N SER B 125 18.20 18.49 -17.71
CA SER B 125 19.49 17.83 -17.91
C SER B 125 19.82 17.73 -19.39
N ALA B 126 18.78 17.59 -20.22
CA ALA B 126 18.99 17.47 -21.66
C ALA B 126 19.67 18.72 -22.20
N PHE B 127 19.03 19.87 -22.04
CA PHE B 127 19.57 21.12 -22.55
C PHE B 127 20.84 21.52 -21.80
N ARG B 128 20.90 21.18 -20.53
CA ARG B 128 22.11 21.38 -19.75
C ARG B 128 23.28 20.70 -20.43
N ASP B 129 23.11 19.42 -20.77
CA ASP B 129 24.18 18.68 -21.44
C ASP B 129 24.54 19.30 -22.79
N LEU B 130 23.56 19.84 -23.50
CA LEU B 130 23.84 20.51 -24.77
C LEU B 130 24.75 21.71 -24.55
N VAL B 131 24.48 22.49 -23.51
CA VAL B 131 25.30 23.65 -23.20
C VAL B 131 26.74 23.21 -22.93
N ILE B 132 26.91 22.16 -22.13
CA ILE B 132 28.24 21.67 -21.78
C ILE B 132 28.94 21.12 -23.02
N LYS B 133 28.18 20.47 -23.89
CA LYS B 133 28.75 19.83 -25.08
C LYS B 133 29.18 20.85 -26.14
N HIS B 134 28.69 22.08 -26.03
CA HIS B 134 29.17 23.18 -26.87
C HIS B 134 30.39 23.88 -26.27
N GLY B 135 30.88 23.37 -25.14
CA GLY B 135 32.08 23.92 -24.52
C GLY B 135 31.83 25.27 -23.86
N ALA B 136 30.70 25.38 -23.16
CA ALA B 136 30.34 26.63 -22.50
C ALA B 136 31.11 26.81 -21.19
N ILE B 137 31.59 25.72 -20.62
CA ILE B 137 32.23 25.76 -19.31
C ILE B 137 33.53 26.57 -19.32
N ASP B 138 34.44 26.25 -20.23
CA ASP B 138 35.75 26.91 -20.27
C ASP B 138 35.62 28.44 -20.34
N PRO B 139 34.82 28.96 -21.29
CA PRO B 139 34.59 30.41 -21.32
C PRO B 139 34.03 30.95 -20.01
N LEU B 140 33.03 30.27 -19.44
CA LEU B 140 32.39 30.73 -18.22
C LEU B 140 33.39 30.83 -17.07
N LEU B 141 34.12 29.74 -16.82
CA LEU B 141 35.10 29.74 -15.74
C LEU B 141 36.18 30.78 -15.98
N ALA B 142 36.51 31.01 -17.25
CA ALA B 142 37.55 31.98 -17.60
C ALA B 142 37.16 33.37 -17.12
N LEU B 143 35.87 33.69 -17.20
CA LEU B 143 35.38 34.98 -16.73
C LEU B 143 35.60 35.14 -15.23
N LEU B 144 35.66 34.02 -14.52
CA LEU B 144 35.90 34.02 -13.08
C LEU B 144 37.37 33.77 -12.76
N ALA B 145 38.18 33.51 -13.78
CA ALA B 145 39.60 33.28 -13.61
C ALA B 145 40.34 34.60 -13.38
N VAL B 146 40.00 35.27 -12.28
CA VAL B 146 40.65 36.52 -11.89
C VAL B 146 41.19 36.39 -10.47
N PRO B 147 42.17 37.23 -10.10
CA PRO B 147 42.73 37.13 -8.75
C PRO B 147 41.71 37.47 -7.67
N ASP B 148 41.05 38.61 -7.82
CA ASP B 148 40.05 39.07 -6.85
C ASP B 148 38.69 39.21 -7.52
N LEU B 149 37.71 38.47 -7.00
CA LEU B 149 36.37 38.45 -7.58
C LEU B 149 35.63 39.78 -7.39
N SER B 150 36.05 40.56 -6.39
CA SER B 150 35.39 41.82 -6.07
C SER B 150 35.56 42.87 -7.16
N THR B 151 36.43 42.60 -8.14
CA THR B 151 36.62 43.50 -9.26
C THR B 151 35.40 43.47 -10.19
N LEU B 152 34.84 42.28 -10.39
CA LEU B 152 33.67 42.12 -11.25
C LEU B 152 32.45 42.82 -10.67
N ALA B 153 31.54 43.24 -11.55
CA ALA B 153 30.30 43.86 -11.11
C ALA B 153 29.49 42.89 -10.28
N CYS B 154 28.62 43.42 -9.43
CA CYS B 154 27.83 42.59 -8.53
C CYS B 154 26.86 41.71 -9.30
N GLY B 155 26.09 42.32 -10.21
CA GLY B 155 25.11 41.60 -10.99
C GLY B 155 25.77 40.58 -11.91
N TYR B 156 26.97 40.90 -12.36
CA TYR B 156 27.72 40.04 -13.26
C TYR B 156 28.12 38.75 -12.54
N LEU B 157 28.71 38.91 -11.36
CA LEU B 157 29.15 37.77 -10.57
C LEU B 157 27.97 36.89 -10.16
N ARG B 158 26.85 37.53 -9.85
CA ARG B 158 25.66 36.81 -9.44
C ARG B 158 25.11 35.94 -10.57
N ASN B 159 24.97 36.54 -11.76
CA ASN B 159 24.49 35.81 -12.93
C ASN B 159 25.38 34.62 -13.26
N LEU B 160 26.69 34.82 -13.20
CA LEU B 160 27.65 33.77 -13.49
C LEU B 160 27.53 32.63 -12.49
N THR B 161 27.44 32.97 -11.20
CA THR B 161 27.29 31.97 -10.16
C THR B 161 26.00 31.20 -10.37
N TRP B 162 24.92 31.91 -10.66
CA TRP B 162 23.62 31.30 -10.87
C TRP B 162 23.62 30.38 -12.10
N THR B 163 24.24 30.84 -13.18
CA THR B 163 24.29 30.03 -14.40
C THR B 163 25.11 28.76 -14.17
N LEU B 164 26.20 28.88 -13.43
CA LEU B 164 27.00 27.70 -13.10
C LEU B 164 26.15 26.72 -12.30
N SER B 165 25.39 27.23 -11.34
CA SER B 165 24.58 26.36 -10.49
C SER B 165 23.57 25.57 -11.32
N ASN B 166 23.12 26.14 -12.44
CA ASN B 166 22.22 25.44 -13.33
C ASN B 166 22.93 24.38 -14.17
N LEU B 167 24.24 24.53 -14.32
CA LEU B 167 25.04 23.50 -15.00
C LEU B 167 25.30 22.34 -14.06
N CYS B 168 25.02 22.54 -12.78
CA CYS B 168 25.16 21.49 -11.77
C CYS B 168 23.80 20.86 -11.45
N ARG B 169 22.73 21.48 -11.93
CA ARG B 169 21.38 21.09 -11.54
C ARG B 169 20.84 19.90 -12.33
N ASN B 170 19.77 19.30 -11.79
CA ASN B 170 19.01 18.23 -12.43
C ASN B 170 19.73 16.89 -12.50
N LYS B 171 18.94 15.83 -12.67
CA LYS B 171 19.44 14.47 -12.67
C LYS B 171 18.81 13.66 -13.80
N ASN B 172 19.18 12.38 -13.89
CA ASN B 172 18.63 11.49 -14.89
C ASN B 172 18.73 12.06 -16.30
N PRO B 173 19.96 12.23 -16.81
CA PRO B 173 21.22 11.94 -16.12
C PRO B 173 21.73 13.11 -15.28
N ALA B 174 22.61 12.83 -14.34
CA ALA B 174 23.32 13.88 -13.62
C ALA B 174 24.39 14.46 -14.53
N PRO B 175 24.90 15.66 -14.21
CA PRO B 175 25.96 16.24 -15.04
C PRO B 175 27.19 15.35 -15.13
N PRO B 176 27.95 15.42 -16.23
CA PRO B 176 29.14 14.58 -16.37
C PRO B 176 30.18 14.86 -15.29
N LEU B 177 30.83 13.80 -14.81
CA LEU B 177 31.87 13.94 -13.79
C LEU B 177 32.96 14.90 -14.27
N ASP B 178 33.24 14.86 -15.58
CA ASP B 178 34.24 15.74 -16.17
C ASP B 178 33.88 17.19 -15.87
N ALA B 179 32.64 17.55 -16.15
CA ALA B 179 32.16 18.92 -15.99
C ALA B 179 32.16 19.32 -14.52
N VAL B 180 31.65 18.43 -13.66
CA VAL B 180 31.60 18.69 -12.24
C VAL B 180 33.01 18.93 -11.71
N GLU B 181 33.94 18.05 -12.05
CA GLU B 181 35.31 18.16 -11.58
C GLU B 181 35.93 19.49 -12.05
N GLN B 182 35.53 19.93 -13.23
CA GLN B 182 36.08 21.14 -13.82
C GLN B 182 35.53 22.41 -13.14
N ILE B 183 34.31 22.32 -12.64
CA ILE B 183 33.61 23.47 -12.09
C ILE B 183 33.90 23.66 -10.61
N LEU B 184 34.05 22.56 -9.89
CA LEU B 184 34.14 22.57 -8.43
C LEU B 184 35.12 23.59 -7.85
N PRO B 185 36.37 23.61 -8.35
CA PRO B 185 37.37 24.54 -7.81
C PRO B 185 36.87 25.99 -7.77
N THR B 186 36.09 26.37 -8.77
CA THR B 186 35.55 27.72 -8.86
C THR B 186 34.42 27.88 -7.85
N LEU B 187 33.66 26.81 -7.67
CA LEU B 187 32.54 26.83 -6.74
C LEU B 187 33.02 27.03 -5.31
N VAL B 188 34.18 26.44 -4.99
CA VAL B 188 34.78 26.59 -3.67
C VAL B 188 35.11 28.05 -3.38
N ARG B 189 35.57 28.76 -4.41
CA ARG B 189 35.91 30.17 -4.26
C ARG B 189 34.66 31.01 -3.97
N LEU B 190 33.60 30.74 -4.72
CA LEU B 190 32.37 31.50 -4.59
C LEU B 190 31.68 31.22 -3.26
N LEU B 191 31.99 30.07 -2.65
CA LEU B 191 31.44 29.73 -1.33
C LEU B 191 32.00 30.63 -0.24
N HIS B 192 33.13 31.28 -0.53
CA HIS B 192 33.80 32.13 0.45
C HIS B 192 33.67 33.61 0.08
N HIS B 193 32.71 33.93 -0.78
CA HIS B 193 32.51 35.31 -1.20
C HIS B 193 31.55 36.02 -0.23
N ASN B 194 31.62 37.35 -0.21
CA ASN B 194 30.88 38.13 0.78
C ASN B 194 29.40 38.29 0.44
N ASP B 195 29.07 38.28 -0.84
CA ASP B 195 27.71 38.56 -1.28
C ASP B 195 26.75 37.43 -0.90
N PRO B 196 25.58 37.78 -0.31
CA PRO B 196 24.61 36.76 0.10
C PRO B 196 24.04 35.93 -1.06
N GLU B 197 23.76 36.57 -2.20
CA GLU B 197 23.18 35.86 -3.33
C GLU B 197 24.18 34.91 -3.98
N VAL B 198 25.44 35.33 -4.03
CA VAL B 198 26.51 34.45 -4.53
C VAL B 198 26.61 33.22 -3.65
N LEU B 199 26.56 33.44 -2.33
CA LEU B 199 26.61 32.35 -1.38
C LEU B 199 25.39 31.45 -1.53
N ALA B 200 24.24 32.05 -1.80
CA ALA B 200 23.01 31.27 -1.96
C ALA B 200 23.12 30.36 -3.17
N ASP B 201 23.42 30.94 -4.33
CA ASP B 201 23.52 30.18 -5.57
C ASP B 201 24.62 29.12 -5.50
N SER B 202 25.71 29.44 -4.80
CA SER B 202 26.80 28.49 -4.64
C SER B 202 26.35 27.28 -3.82
N CYS B 203 25.64 27.55 -2.72
CA CYS B 203 25.12 26.48 -1.87
C CYS B 203 24.14 25.62 -2.64
N TRP B 204 23.29 26.26 -3.45
CA TRP B 204 22.35 25.52 -4.28
C TRP B 204 23.11 24.60 -5.22
N ALA B 205 24.15 25.15 -5.85
CA ALA B 205 24.96 24.40 -6.79
C ALA B 205 25.57 23.17 -6.13
N ILE B 206 25.98 23.34 -4.88
CA ILE B 206 26.63 22.25 -4.15
C ILE B 206 25.59 21.25 -3.65
N SER B 207 24.39 21.73 -3.34
CA SER B 207 23.32 20.85 -2.91
C SER B 207 22.90 19.96 -4.07
N TYR B 208 23.01 20.48 -5.29
CA TYR B 208 22.71 19.70 -6.49
C TYR B 208 23.73 18.58 -6.68
N LEU B 209 25.01 18.93 -6.55
CA LEU B 209 26.09 17.99 -6.82
C LEU B 209 26.14 16.89 -5.77
N THR B 210 25.66 17.17 -4.56
CA THR B 210 25.64 16.19 -3.49
C THR B 210 24.36 15.37 -3.46
N ASP B 211 23.38 15.77 -4.28
CA ASP B 211 22.13 15.03 -4.40
C ASP B 211 22.29 13.85 -5.34
N GLY B 212 23.09 12.87 -4.92
CA GLY B 212 23.32 11.67 -5.72
C GLY B 212 24.02 10.58 -4.94
N PRO B 213 24.61 9.61 -5.65
CA PRO B 213 25.39 8.52 -5.04
C PRO B 213 26.56 9.01 -4.20
N ASN B 214 27.09 8.14 -3.35
CA ASN B 214 28.15 8.51 -2.43
C ASN B 214 29.45 8.90 -3.15
N GLU B 215 29.54 8.55 -4.44
CA GLU B 215 30.73 8.87 -5.22
C GLU B 215 30.75 10.36 -5.57
N ARG B 216 29.57 10.89 -5.88
CA ARG B 216 29.45 12.31 -6.21
C ARG B 216 29.61 13.15 -4.94
N ILE B 217 29.18 12.61 -3.81
CA ILE B 217 29.36 13.29 -2.53
C ILE B 217 30.85 13.42 -2.22
N GLU B 218 31.61 12.39 -2.55
CA GLU B 218 33.05 12.40 -2.26
C GLU B 218 33.79 13.47 -3.04
N MET B 219 33.40 13.69 -4.30
CA MET B 219 34.02 14.73 -5.12
C MET B 219 33.93 16.07 -4.40
N VAL B 220 32.74 16.36 -3.88
CA VAL B 220 32.50 17.62 -3.19
C VAL B 220 33.27 17.70 -1.87
N VAL B 221 33.07 16.72 -1.00
CA VAL B 221 33.68 16.72 0.33
C VAL B 221 35.21 16.72 0.25
N LYS B 222 35.75 16.10 -0.79
CA LYS B 222 37.20 16.00 -0.93
C LYS B 222 37.85 17.38 -1.11
N LYS B 223 37.07 18.37 -1.54
CA LYS B 223 37.59 19.73 -1.72
C LYS B 223 37.59 20.52 -0.41
N GLY B 224 37.07 19.93 0.67
CA GLY B 224 37.08 20.56 1.98
C GLY B 224 36.10 21.72 2.09
N VAL B 225 34.85 21.48 1.71
CA VAL B 225 33.83 22.53 1.71
C VAL B 225 32.88 22.41 2.90
N VAL B 226 32.93 21.27 3.59
CA VAL B 226 32.01 21.01 4.69
C VAL B 226 32.10 22.10 5.77
N PRO B 227 33.33 22.43 6.23
CA PRO B 227 33.45 23.49 7.24
C PRO B 227 32.78 24.80 6.83
N GLN B 228 32.95 25.20 5.58
CA GLN B 228 32.33 26.43 5.09
C GLN B 228 30.81 26.28 5.05
N LEU B 229 30.34 25.11 4.63
CA LEU B 229 28.90 24.86 4.56
C LEU B 229 28.26 25.03 5.93
N VAL B 230 28.94 24.53 6.96
CA VAL B 230 28.43 24.60 8.32
C VAL B 230 28.42 26.06 8.79
N LYS B 231 29.37 26.85 8.29
CA LYS B 231 29.41 28.26 8.64
C LYS B 231 28.18 28.94 8.05
N LEU B 232 27.86 28.61 6.79
CA LEU B 232 26.71 29.19 6.12
C LEU B 232 25.42 28.63 6.68
N LEU B 233 25.54 27.52 7.41
CA LEU B 233 24.39 26.92 8.06
C LEU B 233 23.90 27.83 9.18
N GLY B 234 24.83 28.52 9.83
CA GLY B 234 24.50 29.40 10.94
C GLY B 234 24.23 30.84 10.50
N ALA B 235 24.00 31.04 9.21
CA ALA B 235 23.67 32.36 8.70
C ALA B 235 22.29 32.78 9.17
N THR B 236 22.04 34.09 9.22
CA THR B 236 20.76 34.59 9.68
C THR B 236 19.76 34.65 8.51
N GLU B 237 20.29 34.83 7.30
CA GLU B 237 19.44 34.95 6.12
C GLU B 237 19.03 33.57 5.62
N LEU B 238 17.73 33.38 5.46
CA LEU B 238 17.16 32.09 5.12
C LEU B 238 17.59 31.57 3.74
N PRO B 239 17.70 32.46 2.74
CA PRO B 239 18.12 32.01 1.40
C PRO B 239 19.49 31.33 1.37
N ILE B 240 20.30 31.52 2.40
CA ILE B 240 21.58 30.84 2.50
C ILE B 240 21.44 29.54 3.28
N VAL B 241 20.73 29.59 4.40
CA VAL B 241 20.60 28.44 5.29
C VAL B 241 19.93 27.28 4.58
N THR B 242 18.90 27.58 3.78
CA THR B 242 18.11 26.54 3.13
C THR B 242 18.97 25.65 2.21
N PRO B 243 19.66 26.25 1.23
CA PRO B 243 20.51 25.40 0.39
C PRO B 243 21.69 24.79 1.15
N ALA B 244 22.23 25.52 2.12
CA ALA B 244 23.34 25.02 2.92
C ALA B 244 22.90 23.75 3.67
N LEU B 245 21.72 23.82 4.28
CA LEU B 245 21.17 22.69 5.02
C LEU B 245 20.90 21.52 4.09
N ARG B 246 20.41 21.82 2.89
CA ARG B 246 20.19 20.78 1.89
C ARG B 246 21.49 20.09 1.53
N ALA B 247 22.56 20.86 1.35
CA ALA B 247 23.86 20.32 1.01
C ALA B 247 24.34 19.40 2.13
N ILE B 248 24.30 19.90 3.37
CA ILE B 248 24.68 19.11 4.53
C ILE B 248 23.81 17.87 4.65
N GLY B 249 22.50 18.05 4.45
CA GLY B 249 21.58 16.94 4.50
C GLY B 249 21.95 15.86 3.51
N ASN B 250 22.30 16.27 2.30
CA ASN B 250 22.71 15.33 1.27
C ASN B 250 23.97 14.57 1.64
N ILE B 251 24.96 15.31 2.16
CA ILE B 251 26.23 14.70 2.52
C ILE B 251 26.02 13.60 3.57
N VAL B 252 25.10 13.84 4.50
CA VAL B 252 24.87 12.92 5.61
C VAL B 252 24.24 11.61 5.15
N THR B 253 23.56 11.62 4.00
CA THR B 253 23.00 10.39 3.44
C THR B 253 24.11 9.48 2.94
N GLY B 254 25.34 9.99 2.92
CA GLY B 254 26.48 9.20 2.48
C GLY B 254 26.94 8.20 3.51
N THR B 255 28.26 8.06 3.65
CA THR B 255 28.85 7.08 4.57
C THR B 255 29.05 7.66 5.95
N ASP B 256 29.36 6.80 6.90
CA ASP B 256 29.64 7.22 8.27
C ASP B 256 30.87 8.11 8.31
N GLU B 257 31.76 7.96 7.34
CA GLU B 257 32.98 8.74 7.28
C GLU B 257 32.68 10.17 6.84
N GLN B 258 31.79 10.30 5.86
CA GLN B 258 31.40 11.61 5.35
C GLN B 258 30.52 12.33 6.36
N THR B 259 29.72 11.55 7.09
CA THR B 259 28.90 12.10 8.15
C THR B 259 29.77 12.69 9.24
N GLN B 260 30.87 12.01 9.55
CA GLN B 260 31.77 12.45 10.62
C GLN B 260 32.38 13.81 10.32
N LYS B 261 32.60 14.09 9.03
CA LYS B 261 33.19 15.36 8.62
C LYS B 261 32.23 16.51 8.88
N VAL B 262 30.93 16.25 8.80
CA VAL B 262 29.92 17.24 9.12
C VAL B 262 29.93 17.53 10.62
N ILE B 263 30.05 16.47 11.41
CA ILE B 263 30.08 16.61 12.86
C ILE B 263 31.35 17.34 13.29
N ASP B 264 32.49 16.95 12.72
CA ASP B 264 33.76 17.58 13.05
C ASP B 264 33.72 19.08 12.74
N ALA B 265 32.97 19.44 11.71
CA ALA B 265 32.87 20.84 11.29
C ALA B 265 32.03 21.67 12.27
N GLY B 266 31.38 21.00 13.22
CA GLY B 266 30.62 21.68 14.24
C GLY B 266 29.17 21.93 13.85
N ALA B 267 28.63 21.07 13.00
CA ALA B 267 27.25 21.21 12.53
C ALA B 267 26.25 21.03 13.66
N LEU B 268 26.56 20.16 14.61
CA LEU B 268 25.62 19.82 15.67
C LEU B 268 25.32 21.00 16.58
N ALA B 269 26.23 21.97 16.64
CA ALA B 269 26.08 23.11 17.53
C ALA B 269 24.99 24.09 17.08
N VAL B 270 24.68 24.09 15.78
CA VAL B 270 23.72 25.03 15.22
C VAL B 270 22.35 24.37 14.99
N PHE B 271 22.31 23.04 15.11
CA PHE B 271 21.08 22.31 14.84
C PHE B 271 19.91 22.59 15.81
N PRO B 272 20.20 23.04 17.04
CA PRO B 272 19.07 23.44 17.89
C PRO B 272 18.21 24.54 17.26
N SER B 273 18.84 25.54 16.66
CA SER B 273 18.11 26.62 16.03
C SER B 273 17.39 26.13 14.78
N LEU B 274 17.98 25.14 14.10
CA LEU B 274 17.36 24.58 12.91
C LEU B 274 16.14 23.74 13.27
N LEU B 275 16.28 22.91 14.30
CA LEU B 275 15.16 22.09 14.76
C LEU B 275 14.04 22.92 15.39
N THR B 276 14.34 24.17 15.73
CA THR B 276 13.34 25.08 16.31
C THR B 276 13.15 26.30 15.42
N ASN B 277 13.50 26.16 14.15
CA ASN B 277 13.39 27.24 13.18
C ASN B 277 11.93 27.61 12.94
N PRO B 278 11.64 28.92 12.76
CA PRO B 278 10.23 29.28 12.53
C PRO B 278 9.70 28.76 11.19
N LYS B 279 10.59 28.51 10.25
CA LYS B 279 10.21 27.96 8.94
C LYS B 279 10.00 26.46 9.04
N THR B 280 8.77 26.01 8.88
CA THR B 280 8.45 24.60 9.04
C THR B 280 9.28 23.74 8.10
N ASN B 281 9.57 24.26 6.91
CA ASN B 281 10.35 23.51 5.92
C ASN B 281 11.78 23.25 6.38
N ILE B 282 12.32 24.15 7.19
CA ILE B 282 13.66 23.98 7.74
C ILE B 282 13.69 22.90 8.83
N GLN B 283 12.63 22.86 9.63
CA GLN B 283 12.54 21.86 10.68
C GLN B 283 12.48 20.45 10.10
N LYS B 284 11.65 20.27 9.08
CA LYS B 284 11.55 18.98 8.39
C LYS B 284 12.91 18.59 7.84
N GLU B 285 13.56 19.53 7.15
CA GLU B 285 14.87 19.27 6.56
C GLU B 285 15.92 18.91 7.61
N ALA B 286 15.93 19.66 8.71
CA ALA B 286 16.90 19.44 9.78
C ALA B 286 16.61 18.15 10.56
N THR B 287 15.34 17.85 10.77
CA THR B 287 14.94 16.61 11.44
C THR B 287 15.29 15.40 10.57
N TRP B 288 15.08 15.53 9.27
CA TRP B 288 15.44 14.47 8.32
C TRP B 288 16.94 14.18 8.38
N THR B 289 17.74 15.24 8.41
CA THR B 289 19.19 15.11 8.50
C THR B 289 19.60 14.41 9.80
N MET B 290 18.97 14.79 10.90
CA MET B 290 19.28 14.20 12.20
C MET B 290 19.04 12.70 12.18
N SER B 291 17.97 12.28 11.49
CA SER B 291 17.61 10.87 11.43
C SER B 291 18.67 10.06 10.69
N ASN B 292 19.32 10.66 9.71
CA ASN B 292 20.38 9.96 8.99
C ASN B 292 21.69 9.98 9.79
N ILE B 293 21.81 10.91 10.73
CA ILE B 293 22.96 10.93 11.61
C ILE B 293 22.81 9.84 12.69
N THR B 294 21.61 9.69 13.22
CA THR B 294 21.35 8.67 14.25
C THR B 294 21.29 7.27 13.67
N ALA B 295 21.48 7.16 12.36
CA ALA B 295 21.60 5.88 11.70
C ALA B 295 23.07 5.45 11.60
N GLY B 296 23.96 6.28 12.15
CA GLY B 296 25.39 6.04 12.08
C GLY B 296 25.91 5.23 13.24
N ARG B 297 27.19 5.39 13.53
CA ARG B 297 27.85 4.65 14.60
C ARG B 297 27.40 5.14 15.98
N GLN B 298 27.64 4.31 17.00
CA GLN B 298 27.30 4.66 18.38
C GLN B 298 28.04 5.92 18.82
N ASP B 299 29.31 6.00 18.47
CA ASP B 299 30.13 7.16 18.82
C ASP B 299 29.55 8.42 18.19
N GLN B 300 28.91 8.27 17.03
CA GLN B 300 28.27 9.40 16.39
C GLN B 300 26.97 9.74 17.13
N ILE B 301 26.26 8.71 17.57
CA ILE B 301 25.05 8.92 18.36
C ILE B 301 25.42 9.62 19.66
N GLN B 302 26.58 9.29 20.21
CA GLN B 302 27.02 9.85 21.48
C GLN B 302 27.31 11.35 21.35
N GLN B 303 27.80 11.77 20.20
CA GLN B 303 28.05 13.17 19.94
C GLN B 303 26.72 13.94 19.84
N VAL B 304 25.68 13.26 19.37
CA VAL B 304 24.35 13.86 19.31
C VAL B 304 23.84 14.05 20.73
N VAL B 305 24.13 13.09 21.59
CA VAL B 305 23.74 13.17 22.99
C VAL B 305 24.51 14.29 23.66
N ASN B 306 25.82 14.33 23.41
CA ASN B 306 26.70 15.27 24.10
C ASN B 306 26.42 16.72 23.71
N HIS B 307 25.93 16.92 22.49
CA HIS B 307 25.59 18.27 22.03
C HIS B 307 24.17 18.66 22.45
N GLY B 308 23.50 17.76 23.16
CA GLY B 308 22.21 18.05 23.75
C GLY B 308 21.05 18.15 22.78
N LEU B 309 21.13 17.44 21.66
CA LEU B 309 20.10 17.54 20.63
C LEU B 309 18.88 16.67 20.91
N VAL B 310 19.02 15.70 21.81
CA VAL B 310 17.94 14.76 22.08
C VAL B 310 16.68 15.45 22.60
N PRO B 311 16.81 16.36 23.60
CA PRO B 311 15.61 17.10 24.03
C PRO B 311 14.95 17.90 22.90
N PHE B 312 15.74 18.39 21.94
CA PHE B 312 15.18 19.15 20.82
C PHE B 312 14.45 18.20 19.87
N LEU B 313 15.01 17.01 19.70
CA LEU B 313 14.37 15.99 18.88
C LEU B 313 13.04 15.58 19.50
N VAL B 314 13.03 15.40 20.82
CA VAL B 314 11.80 15.08 21.55
C VAL B 314 10.80 16.21 21.36
N GLY B 315 11.31 17.43 21.32
CA GLY B 315 10.48 18.61 21.14
C GLY B 315 9.78 18.62 19.79
N VAL B 316 10.53 18.30 18.75
CA VAL B 316 9.97 18.21 17.39
C VAL B 316 8.86 17.18 17.37
N LEU B 317 9.13 16.01 17.96
CA LEU B 317 8.17 14.92 18.01
C LEU B 317 6.87 15.34 18.71
N SER B 318 6.96 16.28 19.63
CA SER B 318 5.81 16.71 20.41
C SER B 318 5.01 17.80 19.71
N LYS B 319 5.70 18.85 19.26
CA LYS B 319 5.05 20.05 18.76
C LYS B 319 5.56 20.47 17.39
N ALA B 320 5.34 19.61 16.40
CA ALA B 320 5.64 19.96 15.01
C ALA B 320 4.53 19.43 14.11
N ASP B 321 4.50 19.88 12.86
CA ASP B 321 3.53 19.36 11.90
C ASP B 321 3.83 17.89 11.67
N PHE B 322 2.81 17.14 11.27
CA PHE B 322 2.94 15.69 11.16
C PHE B 322 4.10 15.27 10.27
N LYS B 323 4.34 16.00 9.19
CA LYS B 323 5.41 15.67 8.26
C LYS B 323 6.77 15.73 8.95
N THR B 324 6.96 16.72 9.80
CA THR B 324 8.21 16.86 10.53
C THR B 324 8.26 15.81 11.64
N GLN B 325 7.10 15.51 12.23
CA GLN B 325 7.02 14.53 13.31
C GLN B 325 7.43 13.15 12.81
N LYS B 326 7.04 12.83 11.59
CA LYS B 326 7.38 11.55 10.97
C LYS B 326 8.90 11.41 10.88
N GLU B 327 9.57 12.49 10.47
CA GLU B 327 11.02 12.49 10.38
C GLU B 327 11.66 12.29 11.74
N ALA B 328 11.08 12.94 12.76
CA ALA B 328 11.56 12.81 14.13
C ALA B 328 11.45 11.35 14.58
N ALA B 329 10.28 10.77 14.33
CA ALA B 329 10.04 9.37 14.66
C ALA B 329 11.11 8.46 14.07
N TRP B 330 11.49 8.74 12.83
CA TRP B 330 12.55 7.99 12.18
C TRP B 330 13.88 8.15 12.92
N ALA B 331 14.19 9.38 13.30
CA ALA B 331 15.44 9.66 13.99
C ALA B 331 15.56 8.87 15.30
N ILE B 332 14.44 8.67 15.97
CA ILE B 332 14.42 8.00 17.26
C ILE B 332 14.52 6.48 17.08
N THR B 333 13.94 5.97 16.00
CA THR B 333 14.07 4.55 15.70
C THR B 333 15.51 4.17 15.37
N ASN B 334 16.15 4.97 14.51
CA ASN B 334 17.56 4.76 14.20
C ASN B 334 18.41 4.88 15.46
N TYR B 335 18.08 5.85 16.30
CA TYR B 335 18.76 6.04 17.58
C TYR B 335 18.67 4.79 18.44
N THR B 336 17.45 4.33 18.70
CA THR B 336 17.23 3.18 19.55
C THR B 336 17.74 1.89 18.92
N SER B 337 17.85 1.88 17.60
CA SER B 337 18.30 0.69 16.88
C SER B 337 19.81 0.49 16.99
N GLY B 338 20.56 1.59 16.85
CA GLY B 338 22.01 1.54 16.88
C GLY B 338 22.60 1.91 18.22
N GLY B 339 21.82 2.61 19.04
CA GLY B 339 22.31 3.11 20.31
C GLY B 339 22.65 2.03 21.33
N THR B 340 23.54 2.35 22.25
CA THR B 340 23.84 1.47 23.37
C THR B 340 22.71 1.55 24.38
N VAL B 341 22.70 0.59 25.32
CA VAL B 341 21.68 0.56 26.36
C VAL B 341 21.66 1.88 27.13
N GLU B 342 22.84 2.37 27.48
CA GLU B 342 22.94 3.60 28.26
C GLU B 342 22.45 4.81 27.46
N GLN B 343 22.59 4.74 26.14
CA GLN B 343 22.11 5.81 25.28
C GLN B 343 20.58 5.79 25.19
N ILE B 344 20.00 4.60 25.28
CA ILE B 344 18.55 4.45 25.25
C ILE B 344 17.93 4.88 26.57
N VAL B 345 18.59 4.56 27.67
CA VAL B 345 18.15 5.00 28.99
C VAL B 345 18.06 6.51 29.05
N TYR B 346 19.09 7.18 28.54
CA TYR B 346 19.11 8.63 28.48
C TYR B 346 17.91 9.13 27.68
N LEU B 347 17.62 8.43 26.59
CA LEU B 347 16.50 8.77 25.71
C LEU B 347 15.19 8.77 26.50
N VAL B 348 14.98 7.72 27.29
CA VAL B 348 13.78 7.60 28.09
C VAL B 348 13.72 8.70 29.15
N HIS B 349 14.87 9.10 29.67
CA HIS B 349 14.95 10.15 30.69
C HIS B 349 14.58 11.51 30.10
N CYS B 350 14.73 11.65 28.78
CA CYS B 350 14.40 12.90 28.10
C CYS B 350 12.90 13.02 27.81
N GLY B 351 12.13 12.02 28.24
CA GLY B 351 10.67 12.07 28.15
C GLY B 351 10.15 11.71 26.79
N ILE B 352 10.75 10.69 26.18
CA ILE B 352 10.42 10.33 24.80
C ILE B 352 9.08 9.60 24.69
N ILE B 353 8.74 8.83 25.73
CA ILE B 353 7.63 7.89 25.65
C ILE B 353 6.31 8.52 25.23
N GLU B 354 5.80 9.47 26.03
CA GLU B 354 4.46 10.01 25.78
C GLU B 354 4.34 10.66 24.39
N PRO B 355 5.31 11.51 24.00
CA PRO B 355 5.24 12.03 22.62
C PRO B 355 5.24 10.91 21.59
N LEU B 356 6.01 9.88 21.84
CA LEU B 356 6.11 8.73 20.96
C LEU B 356 4.77 8.00 20.88
N MET B 357 4.13 7.81 22.02
CA MET B 357 2.84 7.13 22.10
C MET B 357 1.74 7.97 21.46
N ASN B 358 1.84 9.29 21.58
CA ASN B 358 0.79 10.16 21.05
C ASN B 358 0.69 10.06 19.53
N LEU B 359 1.81 9.76 18.88
CA LEU B 359 1.84 9.59 17.43
C LEU B 359 1.26 8.25 17.01
N LEU B 360 1.08 7.36 17.99
CA LEU B 360 0.55 6.04 17.74
C LEU B 360 -0.92 6.10 17.35
N SER B 361 -1.53 7.26 17.56
CA SER B 361 -2.91 7.50 17.17
C SER B 361 -3.00 8.08 15.76
N ALA B 362 -1.85 8.18 15.09
CA ALA B 362 -1.78 8.80 13.77
C ALA B 362 -2.58 8.02 12.73
N LYS B 363 -2.80 8.66 11.59
CA LYS B 363 -3.57 8.07 10.50
C LYS B 363 -2.65 7.42 9.48
N ASP B 364 -1.35 7.69 9.61
CA ASP B 364 -0.35 7.15 8.69
C ASP B 364 0.15 5.79 9.20
N THR B 365 0.27 4.82 8.29
CA THR B 365 0.64 3.45 8.66
C THR B 365 2.15 3.31 8.86
N LYS B 366 2.92 4.00 8.04
CA LYS B 366 4.37 3.88 8.09
C LYS B 366 4.92 4.37 9.42
N ILE B 367 4.48 5.54 9.87
CA ILE B 367 4.97 6.11 11.12
C ILE B 367 4.66 5.18 12.29
N ILE B 368 3.54 4.48 12.23
CA ILE B 368 3.17 3.54 13.28
C ILE B 368 4.17 2.39 13.35
N GLN B 369 4.46 1.78 12.20
CA GLN B 369 5.48 0.74 12.14
C GLN B 369 6.79 1.22 12.75
N VAL B 370 7.18 2.44 12.40
CA VAL B 370 8.42 3.04 12.85
C VAL B 370 8.44 3.17 14.37
N ILE B 371 7.30 3.54 14.94
CA ILE B 371 7.20 3.78 16.38
C ILE B 371 7.20 2.48 17.16
N LEU B 372 6.45 1.48 16.68
CA LEU B 372 6.43 0.17 17.33
C LEU B 372 7.84 -0.42 17.37
N ASP B 373 8.59 -0.21 16.28
CA ASP B 373 9.97 -0.68 16.22
C ASP B 373 10.81 -0.02 17.30
N ALA B 374 10.65 1.29 17.46
CA ALA B 374 11.36 2.04 18.48
C ALA B 374 11.01 1.53 19.87
N ILE B 375 9.73 1.28 20.11
CA ILE B 375 9.27 0.77 21.40
C ILE B 375 9.89 -0.59 21.68
N SER B 376 9.97 -1.43 20.65
CA SER B 376 10.55 -2.76 20.78
C SER B 376 12.03 -2.65 21.14
N ASN B 377 12.75 -1.82 20.39
CA ASN B 377 14.17 -1.62 20.64
C ASN B 377 14.42 -1.14 22.07
N ILE B 378 13.53 -0.30 22.57
CA ILE B 378 13.68 0.23 23.93
C ILE B 378 13.43 -0.88 24.94
N PHE B 379 12.41 -1.70 24.69
CA PHE B 379 12.13 -2.83 25.57
C PHE B 379 13.29 -3.81 25.63
N GLN B 380 13.98 -3.98 24.50
CA GLN B 380 15.14 -4.88 24.43
C GLN B 380 16.24 -4.40 25.36
N ALA B 381 16.41 -3.08 25.43
CA ALA B 381 17.39 -2.48 26.34
C ALA B 381 16.94 -2.61 27.79
N ALA B 382 15.62 -2.66 28.00
CA ALA B 382 15.08 -2.78 29.35
C ALA B 382 15.33 -4.18 29.91
N GLU B 383 15.27 -5.19 29.04
CA GLU B 383 15.49 -6.57 29.44
C GLU B 383 16.92 -6.78 29.93
N LYS B 384 17.86 -6.03 29.35
CA LYS B 384 19.27 -6.11 29.75
C LYS B 384 19.51 -5.40 31.08
N LEU B 385 18.48 -4.73 31.59
CA LEU B 385 18.58 -3.99 32.84
C LEU B 385 17.64 -4.55 33.90
N GLY B 386 16.72 -5.43 33.47
CA GLY B 386 15.70 -5.94 34.35
C GLY B 386 14.67 -4.87 34.67
N GLU B 387 14.64 -3.83 33.84
CA GLU B 387 13.74 -2.70 34.02
C GLU B 387 12.53 -2.80 33.10
N THR B 388 12.14 -4.03 32.78
CA THR B 388 11.02 -4.26 31.89
C THR B 388 9.71 -3.75 32.50
N GLU B 389 9.53 -4.03 33.79
CA GLU B 389 8.32 -3.64 34.49
C GLU B 389 8.23 -2.12 34.61
N LYS B 390 9.38 -1.49 34.88
CA LYS B 390 9.45 -0.03 35.00
C LYS B 390 9.00 0.64 33.70
N LEU B 391 9.50 0.16 32.58
CA LEU B 391 9.16 0.72 31.28
C LEU B 391 7.67 0.49 30.98
N SER B 392 7.18 -0.69 31.33
CA SER B 392 5.76 -1.03 31.11
C SER B 392 4.86 -0.07 31.86
N ILE B 393 5.23 0.24 33.09
CA ILE B 393 4.48 1.19 33.90
C ILE B 393 4.47 2.57 33.24
N MET B 394 5.64 3.03 32.79
CA MET B 394 5.74 4.33 32.13
C MET B 394 4.77 4.46 30.95
N ILE B 395 4.62 3.38 30.21
CA ILE B 395 3.82 3.41 28.98
C ILE B 395 2.33 3.58 29.29
N GLU B 396 1.83 2.88 30.30
CA GLU B 396 0.43 3.04 30.69
C GLU B 396 0.22 4.35 31.45
N GLU B 397 1.30 4.90 32.01
CA GLU B 397 1.25 6.22 32.65
C GLU B 397 1.22 7.34 31.62
N CYS B 398 1.37 6.98 30.34
CA CYS B 398 1.30 7.94 29.24
C CYS B 398 0.11 7.66 28.33
N GLY B 399 -0.75 6.75 28.77
CA GLY B 399 -1.92 6.37 27.99
C GLY B 399 -1.56 5.59 26.75
N GLY B 400 -0.30 5.14 26.69
CA GLY B 400 0.22 4.47 25.51
C GLY B 400 -0.30 3.06 25.36
N LEU B 401 -0.67 2.43 26.46
CA LEU B 401 -1.14 1.04 26.43
C LEU B 401 -2.45 0.95 25.64
N ASP B 402 -3.41 1.80 25.98
CA ASP B 402 -4.70 1.83 25.29
C ASP B 402 -4.52 2.05 23.79
N LYS B 403 -3.44 2.72 23.41
CA LYS B 403 -3.12 2.96 22.00
C LYS B 403 -2.60 1.69 21.35
N ILE B 404 -1.74 0.96 22.06
CA ILE B 404 -1.23 -0.32 21.56
C ILE B 404 -2.36 -1.34 21.50
N GLU B 405 -3.26 -1.27 22.47
CA GLU B 405 -4.41 -2.16 22.52
C GLU B 405 -5.27 -2.01 21.26
N ALA B 406 -5.45 -0.77 20.82
CA ALA B 406 -6.29 -0.47 19.68
C ALA B 406 -5.67 -0.99 18.38
N LEU B 407 -4.35 -1.18 18.40
CA LEU B 407 -3.64 -1.63 17.20
C LEU B 407 -3.63 -3.15 17.08
N GLN B 408 -4.24 -3.83 18.04
CA GLN B 408 -4.40 -5.28 17.95
C GLN B 408 -5.29 -5.59 16.74
N ARG B 409 -6.22 -4.68 16.45
CA ARG B 409 -7.03 -4.76 15.24
C ARG B 409 -6.28 -4.04 14.12
N HIS B 410 -7.00 -3.26 13.30
CA HIS B 410 -6.40 -2.41 12.27
C HIS B 410 -5.75 -3.23 11.14
N GLU B 411 -5.75 -2.65 9.94
CA GLU B 411 -5.16 -3.31 8.78
C GLU B 411 -3.64 -3.46 8.93
N ASN B 412 -3.00 -3.97 7.89
CA ASN B 412 -1.56 -4.20 7.87
C ASN B 412 -1.13 -5.33 8.80
N GLU B 413 -0.08 -6.03 8.43
CA GLU B 413 0.34 -7.24 9.12
C GLU B 413 1.48 -7.00 10.11
N SER B 414 2.32 -6.02 9.82
CA SER B 414 3.46 -5.73 10.68
C SER B 414 2.96 -5.20 12.04
N VAL B 415 1.87 -4.46 12.01
CA VAL B 415 1.30 -3.90 13.23
C VAL B 415 0.65 -4.98 14.10
N TYR B 416 0.10 -6.01 13.46
CA TYR B 416 -0.47 -7.14 14.19
C TYR B 416 0.57 -7.74 15.13
N LYS B 417 1.58 -8.39 14.55
CA LYS B 417 2.56 -9.13 15.32
C LYS B 417 3.38 -8.21 16.22
N ALA B 418 3.65 -6.99 15.76
CA ALA B 418 4.42 -6.04 16.54
C ALA B 418 3.68 -5.70 17.84
N SER B 419 2.41 -5.34 17.71
CA SER B 419 1.58 -5.04 18.87
C SER B 419 1.36 -6.29 19.72
N LEU B 420 1.03 -7.40 19.04
CA LEU B 420 0.73 -8.66 19.70
C LEU B 420 1.93 -9.16 20.50
N ASN B 421 3.13 -9.00 19.95
CA ASN B 421 4.34 -9.45 20.62
C ASN B 421 4.63 -8.60 21.87
N LEU B 422 4.29 -7.32 21.80
CA LEU B 422 4.57 -6.40 22.89
C LEU B 422 3.73 -6.68 24.13
N ILE B 423 2.44 -6.92 23.94
CA ILE B 423 1.56 -7.16 25.08
C ILE B 423 1.87 -8.50 25.75
N GLU B 424 2.18 -9.51 24.93
CA GLU B 424 2.48 -10.83 25.45
C GLU B 424 3.74 -10.81 26.29
N LYS B 425 4.78 -10.18 25.74
CA LYS B 425 6.07 -10.14 26.41
C LYS B 425 6.06 -9.23 27.63
N TYR B 426 5.32 -8.13 27.56
CA TYR B 426 5.51 -7.03 28.49
C TYR B 426 4.26 -6.56 29.24
N PHE B 427 3.08 -6.94 28.76
CA PHE B 427 1.83 -6.56 29.41
C PHE B 427 0.92 -7.77 29.64
N SER B 428 -0.16 -7.87 28.86
CA SER B 428 -1.09 -8.99 28.96
C SER B 428 -1.72 -9.07 30.36
N VAL B 429 -2.03 -10.27 30.81
CA VAL B 429 -2.69 -10.51 32.10
C VAL B 429 -4.13 -9.99 32.03
N GLU B 430 -4.51 -9.07 32.92
CA GLU B 430 -5.88 -8.56 32.99
C GLU B 430 -5.97 -7.10 32.59
N GLU B 431 -7.04 -6.74 31.87
CA GLU B 431 -7.27 -5.36 31.48
C GLU B 431 -8.68 -5.12 30.94
N GLU B 432 -9.21 -6.10 30.19
CA GLU B 432 -10.57 -6.04 29.63
C GLU B 432 -10.76 -7.16 28.61
N GLU B 433 -11.96 -7.74 28.59
CA GLU B 433 -12.32 -8.73 27.58
C GLU B 433 -13.82 -8.94 27.55
N GLN C 1 7.88 -19.71 6.17
CA GLN C 1 6.58 -20.30 5.94
C GLN C 1 5.49 -19.43 6.55
N GLN C 2 4.28 -19.51 6.00
CA GLN C 2 3.18 -18.67 6.45
C GLN C 2 1.82 -19.20 6.01
N ARG C 3 1.00 -19.59 6.98
CA ARG C 3 -0.38 -19.96 6.69
C ARG C 3 -1.22 -18.70 6.58
N ARG C 4 -2.11 -18.67 5.58
CA ARG C 4 -2.91 -17.50 5.30
C ARG C 4 -4.38 -17.85 5.30
N THR C 5 -5.22 -16.91 5.73
CA THR C 5 -6.67 -17.08 5.66
C THR C 5 -7.09 -16.88 4.21
N ARG C 6 -8.37 -17.13 3.94
CA ARG C 6 -8.86 -17.12 2.56
C ARG C 6 -8.66 -15.78 1.87
N ASN C 7 -8.67 -14.70 2.65
CA ASN C 7 -8.46 -13.37 2.10
C ASN C 7 -7.00 -13.09 1.74
N GLY C 8 -6.13 -14.04 2.08
CA GLY C 8 -4.73 -13.96 1.71
C GLY C 8 -3.88 -13.10 2.61
N ALA C 9 -4.30 -12.95 3.87
CA ALA C 9 -3.57 -12.12 4.81
C ALA C 9 -2.54 -12.94 5.58
N SER C 10 -2.92 -13.43 6.76
CA SER C 10 -2.04 -14.24 7.59
C SER C 10 -2.80 -14.72 8.80
N LYS C 11 -2.49 -15.93 9.26
CA LYS C 11 -3.23 -16.54 10.36
C LYS C 11 -2.99 -15.78 11.67
N SER C 12 -4.00 -15.05 12.11
CA SER C 12 -3.92 -14.27 13.35
C SER C 12 -4.07 -15.18 14.56
N GLN D 1 18.88 0.43 11.80
CA GLN D 1 19.29 1.72 11.26
C GLN D 1 19.16 1.74 9.74
N GLN D 2 18.72 2.87 9.21
CA GLN D 2 18.48 3.00 7.78
C GLN D 2 18.54 4.46 7.34
N ARG D 3 19.54 4.81 6.53
CA ARG D 3 19.60 6.14 5.94
C ARG D 3 18.63 6.23 4.77
N ARG D 4 18.02 7.41 4.62
CA ARG D 4 16.96 7.61 3.64
C ARG D 4 17.20 8.89 2.85
N THR D 5 16.82 8.87 1.58
CA THR D 5 16.83 10.08 0.76
C THR D 5 15.67 10.98 1.17
N ARG D 6 15.57 12.14 0.54
CA ARG D 6 14.62 13.16 0.96
C ARG D 6 13.17 12.72 0.83
N ASN D 7 12.93 11.63 0.13
CA ASN D 7 11.58 11.10 -0.05
C ASN D 7 11.27 9.96 0.92
N GLY D 8 12.22 9.65 1.81
CA GLY D 8 12.02 8.65 2.83
C GLY D 8 12.16 7.22 2.34
N ALA D 9 12.68 7.05 1.13
CA ALA D 9 12.86 5.72 0.56
C ALA D 9 13.97 4.98 1.27
N SER D 10 15.20 5.11 0.76
CA SER D 10 16.37 4.44 1.34
C SER D 10 17.59 4.72 0.47
N LYS D 11 18.78 4.59 1.06
CA LYS D 11 20.03 4.82 0.34
C LYS D 11 20.75 3.48 0.15
N SER D 12 21.30 2.95 1.24
CA SER D 12 22.00 1.66 1.23
C SER D 12 23.18 1.65 0.26
N GLN E 1 -28.69 -18.28 -1.17
CA GLN E 1 -27.82 -18.93 -0.19
C GLN E 1 -28.21 -18.53 1.23
N GLN E 2 -28.34 -17.22 1.45
CA GLN E 2 -28.67 -16.69 2.76
C GLN E 2 -30.15 -16.88 3.09
N ARG E 3 -31.02 -16.58 2.13
CA ARG E 3 -32.46 -16.74 2.31
C ARG E 3 -33.10 -17.28 1.04
N ARG E 4 -34.39 -17.61 1.14
CA ARG E 4 -35.16 -18.06 -0.02
C ARG E 4 -36.64 -17.71 0.16
N THR E 5 -37.25 -17.17 -0.89
CA THR E 5 -38.69 -16.95 -0.90
C THR E 5 -39.36 -18.22 -1.41
N ARG E 6 -40.55 -18.51 -0.89
CA ARG E 6 -41.15 -19.83 -1.07
C ARG E 6 -42.26 -19.89 -2.12
N ASN E 7 -42.11 -20.83 -3.04
CA ASN E 7 -43.17 -21.24 -3.95
C ASN E 7 -43.24 -22.77 -4.07
N GLY E 8 -42.14 -23.45 -4.43
CA GLY E 8 -40.89 -22.84 -4.85
C GLY E 8 -39.76 -22.89 -3.84
N ALA E 9 -38.76 -22.05 -4.12
CA ALA E 9 -37.54 -21.90 -3.33
C ALA E 9 -36.59 -21.06 -4.17
N SER E 10 -36.14 -19.92 -3.64
CA SER E 10 -35.35 -18.99 -4.45
C SER E 10 -34.32 -18.23 -3.61
N LYS E 11 -34.42 -16.90 -3.59
CA LYS E 11 -33.45 -16.05 -2.93
C LYS E 11 -33.87 -14.59 -3.07
N SER E 12 -33.94 -13.88 -1.94
CA SER E 12 -34.31 -12.47 -1.96
C SER E 12 -33.58 -11.71 -0.87
N GLN F 1 9.84 16.32 -7.08
CA GLN F 1 10.16 15.79 -5.76
C GLN F 1 10.97 16.79 -4.95
N GLN F 2 10.40 17.22 -3.82
CA GLN F 2 11.01 18.22 -2.93
C GLN F 2 11.17 19.57 -3.62
N ARG F 3 10.69 20.61 -2.95
CA ARG F 3 10.40 21.88 -3.62
C ARG F 3 11.51 22.92 -3.45
N ARG F 4 11.14 24.20 -3.35
CA ARG F 4 12.08 25.32 -3.45
C ARG F 4 12.68 25.32 -4.86
N THR F 5 12.09 26.12 -5.75
CA THR F 5 12.43 26.08 -7.17
C THR F 5 12.68 27.47 -7.74
N ARG F 6 13.62 27.54 -8.69
CA ARG F 6 14.05 28.80 -9.29
C ARG F 6 15.07 28.52 -10.40
N ASN F 7 14.56 28.04 -11.53
CA ASN F 7 15.42 27.57 -12.63
C ASN F 7 15.44 28.49 -13.86
N GLY F 8 14.35 29.22 -14.09
CA GLY F 8 14.26 30.13 -15.21
C GLY F 8 13.96 31.55 -14.77
N ALA F 9 14.80 32.50 -15.17
CA ALA F 9 14.64 33.90 -14.79
C ALA F 9 14.50 34.79 -16.02
N SER F 10 13.45 35.61 -16.03
CA SER F 10 13.20 36.56 -17.11
C SER F 10 13.67 37.96 -16.71
N LYS F 11 14.32 38.66 -17.64
CA LYS F 11 14.80 40.02 -17.40
C LYS F 11 13.72 41.05 -17.75
N SER F 12 13.37 41.89 -16.79
CA SER F 12 12.33 42.90 -16.96
C SER F 12 12.94 44.30 -17.11
#